data_6KBH
#
_entry.id   6KBH
#
_cell.length_a   131.762
_cell.length_b   55.484
_cell.length_c   135.960
_cell.angle_alpha   90.000
_cell.angle_beta   98.120
_cell.angle_gamma   90.000
#
_symmetry.space_group_name_H-M   'C 1 2 1'
#
loop_
_entity.id
_entity.type
_entity.pdbx_description
1 polymer 'Cytochrome P450 monooxygenase'
2 non-polymer 'FLAVIN MONONUCLEOTIDE'
3 non-polymer 'PROTOPORPHYRIN IX CONTAINING FE'
4 non-polymer 'FE2/S2 (INORGANIC) CLUSTER'
5 water water
#
_entity_poly.entity_id   1
_entity_poly.type   'polypeptide(L)'
_entity_poly.pdbx_seq_one_letter_code
;MTSQSTGTVLETPRTGPESRCPIDHTAFTSPTGCPVSPRAAAFDPFTGPYQVDPAASLRWSRDEEPVFYSPELGYWVVTR
YEDVKAVFRGNELFSPSIALEKITPTSDEANAVLARYGYAMNRTLVNEDEPAHMPRRRALMEPFTPAALAHHEPMVRRLT
REYVDRFIDTGHVDLVDEMLWEVPLTVALHFLGVPEEDMDTLREYSIAHTVNTWGRPAPEQQVAVADAVGKFWQFAGTVL
DKMRKDPDGHGWMPFGIRVQQEQPDVVTDSYLHSMMMAGIVAAHETTANASANALRLLLEHRDVWEEICADPSLIPNAVE
ECLRHSGSVAAWRRLVTADTTINGVEVPAGAKLLIVNSSANHDERHFISLDDFDIRRDNASDHLTFGYGSHQCMGKNLAR
MEIQIFLEELTRRLPHMELVPDQEFTYLPNTSFRGPDHVWVRWDPARNPERADPELLSRRQPVKIGEPSKNTIARTMAVS
GLESIADDILLITLRDTSGRPLPKWSAGSHIDVDCGAVSRQYSLCGDPHDRTTFQVAVLHDRESRGGSRWIHTELAVGAT
LRVRGPRNHFKLDPDAKRYVFVAGGIGITPVIAMADQVKAAGGDYEIHYAGRSRTSMAFLDRLARDHGESVRVYPGDEGV
RMDLPSLFADPEDGTQVYSCGPERLLSALSEATAHWPDDTLHVEHFSSTLEELDPSKEHGFDVVLKDSGITVPVAADQTV
LQALRAANIDAQSDCEEGICGACEVPVLDGEVDHRDLVLTKTERAAGKTMMTCCSRACGDKLTLQL
;
_entity_poly.pdbx_strand_id   A
#
loop_
_chem_comp.id
_chem_comp.type
_chem_comp.name
_chem_comp.formula
FES non-polymer 'FE2/S2 (INORGANIC) CLUSTER' 'Fe2 S2'
FMN non-polymer 'FLAVIN MONONUCLEOTIDE' 'C17 H21 N4 O9 P'
HEM non-polymer 'PROTOPORPHYRIN IX CONTAINING FE' 'C34 H32 Fe N4 O4'
#
# COMPACT_ATOMS: atom_id res chain seq x y z
N PRO A 22 2.30 -19.52 -51.28
CA PRO A 22 1.53 -19.28 -50.06
C PRO A 22 2.30 -18.46 -49.03
N ILE A 23 1.63 -18.08 -47.94
CA ILE A 23 2.30 -17.28 -46.91
C ILE A 23 3.18 -18.13 -46.01
N ASP A 24 2.90 -19.43 -45.88
CA ASP A 24 3.77 -20.29 -45.08
C ASP A 24 5.14 -20.48 -45.73
N HIS A 25 5.27 -20.19 -47.03
CA HIS A 25 6.57 -20.14 -47.67
C HIS A 25 7.36 -18.89 -47.30
N THR A 26 6.71 -17.89 -46.71
CA THR A 26 7.28 -16.57 -46.50
C THR A 26 7.60 -16.27 -45.04
N ALA A 27 6.66 -16.52 -44.13
CA ALA A 27 6.83 -16.19 -42.72
C ALA A 27 6.29 -17.33 -41.87
N PHE A 28 6.64 -17.33 -40.57
CA PHE A 28 6.04 -18.28 -39.67
C PHE A 28 4.54 -17.99 -39.54
N THR A 29 3.80 -19.02 -39.13
CA THR A 29 2.36 -18.90 -38.92
C THR A 29 2.03 -19.27 -37.48
N SER A 30 1.09 -18.51 -36.89
CA SER A 30 0.59 -18.81 -35.57
C SER A 30 -0.21 -20.11 -35.63
N PRO A 31 -0.51 -20.72 -34.48
CA PRO A 31 -1.38 -21.90 -34.48
C PRO A 31 -2.77 -21.64 -35.05
N THR A 32 -3.17 -20.38 -35.19
CA THR A 32 -4.44 -20.03 -35.81
C THR A 32 -4.34 -19.83 -37.31
N GLY A 33 -3.22 -20.22 -37.92
CA GLY A 33 -3.02 -20.03 -39.34
C GLY A 33 -2.73 -18.62 -39.78
N CYS A 34 -2.66 -17.66 -38.86
CA CYS A 34 -2.33 -16.29 -39.23
C CYS A 34 -0.82 -16.13 -39.38
N PRO A 35 -0.37 -15.25 -40.28
CA PRO A 35 1.06 -14.96 -40.37
C PRO A 35 1.58 -14.35 -39.07
N VAL A 36 2.90 -14.41 -38.92
CA VAL A 36 3.58 -13.90 -37.73
C VAL A 36 4.53 -12.79 -38.14
N SER A 37 4.51 -11.70 -37.38
CA SER A 37 5.30 -10.52 -37.70
C SER A 37 6.80 -10.79 -37.55
N PRO A 38 7.64 -10.03 -38.25
CA PRO A 38 9.08 -10.08 -37.97
C PRO A 38 9.44 -9.87 -36.52
N ARG A 39 8.98 -8.75 -35.93
CA ARG A 39 9.31 -8.46 -34.54
C ARG A 39 8.75 -9.53 -33.61
N ALA A 40 7.59 -10.10 -33.95
CA ALA A 40 7.02 -11.17 -33.13
C ALA A 40 7.81 -12.46 -33.25
N ALA A 41 8.25 -12.80 -34.46
CA ALA A 41 9.05 -14.00 -34.68
C ALA A 41 10.49 -13.83 -34.22
N ALA A 42 10.97 -12.60 -34.11
CA ALA A 42 12.29 -12.33 -33.55
C ALA A 42 12.27 -12.25 -32.03
N PHE A 43 11.12 -12.41 -31.40
CA PHE A 43 11.04 -12.37 -29.95
C PHE A 43 11.71 -13.60 -29.35
N ASP A 44 12.63 -13.36 -28.42
CA ASP A 44 13.25 -14.42 -27.63
C ASP A 44 13.35 -13.97 -26.18
N PRO A 45 12.71 -14.69 -25.26
CA PRO A 45 12.82 -14.34 -23.83
C PRO A 45 14.08 -14.84 -23.15
N PHE A 46 14.96 -15.56 -23.86
CA PHE A 46 16.10 -16.21 -23.23
C PHE A 46 17.42 -15.50 -23.49
N THR A 47 17.50 -14.63 -24.49
CA THR A 47 18.73 -13.89 -24.77
C THR A 47 18.37 -12.54 -25.37
N GLY A 48 19.37 -11.67 -25.42
CA GLY A 48 19.24 -10.39 -26.09
C GLY A 48 18.42 -9.37 -25.31
N PRO A 49 17.60 -8.62 -26.06
CA PRO A 49 16.99 -7.40 -25.49
C PRO A 49 16.09 -7.63 -24.30
N TYR A 50 15.45 -8.80 -24.20
CA TYR A 50 14.54 -9.04 -23.10
C TYR A 50 15.28 -9.41 -21.82
N GLN A 51 16.50 -9.95 -21.93
CA GLN A 51 17.30 -10.17 -20.73
C GLN A 51 17.96 -8.90 -20.22
N VAL A 52 18.28 -7.96 -21.11
CA VAL A 52 18.93 -6.74 -20.66
C VAL A 52 17.91 -5.81 -19.97
N ASP A 53 16.73 -5.64 -20.56
CA ASP A 53 15.66 -4.77 -20.07
C ASP A 53 14.39 -5.27 -20.75
N PRO A 54 13.64 -6.19 -20.11
CA PRO A 54 12.41 -6.68 -20.75
C PRO A 54 11.43 -5.58 -21.10
N ALA A 55 11.19 -4.62 -20.19
CA ALA A 55 10.21 -3.57 -20.45
C ALA A 55 10.52 -2.82 -21.74
N ALA A 56 11.75 -2.32 -21.88
CA ALA A 56 12.14 -1.61 -23.08
C ALA A 56 12.11 -2.52 -24.31
N SER A 57 12.43 -3.79 -24.13
CA SER A 57 12.50 -4.72 -25.26
C SER A 57 11.14 -4.95 -25.91
N LEU A 58 10.05 -4.62 -25.25
CA LEU A 58 8.72 -4.78 -25.82
C LEU A 58 7.97 -3.45 -25.93
N ARG A 59 8.69 -2.33 -25.89
CA ARG A 59 8.08 -1.05 -26.21
C ARG A 59 7.37 -1.11 -27.56
N TRP A 60 7.97 -1.78 -28.55
CA TRP A 60 7.35 -1.91 -29.86
C TRP A 60 6.03 -2.66 -29.78
N SER A 61 5.88 -3.57 -28.82
CA SER A 61 4.64 -4.32 -28.70
C SER A 61 3.55 -3.50 -28.02
N ARG A 62 3.91 -2.68 -27.02
CA ARG A 62 2.93 -1.78 -26.43
C ARG A 62 2.39 -0.81 -27.46
N ASP A 63 3.22 -0.43 -28.43
CA ASP A 63 2.83 0.60 -29.39
C ASP A 63 2.02 0.03 -30.54
N GLU A 64 2.53 -1.00 -31.21
CA GLU A 64 1.94 -1.42 -32.47
C GLU A 64 1.39 -2.84 -32.50
N GLU A 65 1.75 -3.70 -31.55
CA GLU A 65 1.23 -5.07 -31.53
C GLU A 65 1.15 -5.57 -30.09
N PRO A 66 0.02 -5.34 -29.42
CA PRO A 66 -0.06 -5.67 -27.99
C PRO A 66 -0.14 -7.15 -27.68
N VAL A 67 -0.50 -7.99 -28.67
CA VAL A 67 -0.66 -9.42 -28.48
C VAL A 67 -0.11 -10.12 -29.72
N PHE A 68 0.82 -11.04 -29.52
CA PHE A 68 1.40 -11.74 -30.65
C PHE A 68 1.77 -13.16 -30.26
N TYR A 69 1.89 -14.01 -31.29
CA TYR A 69 2.41 -15.35 -31.10
C TYR A 69 3.93 -15.34 -31.28
N SER A 70 4.61 -16.06 -30.40
CA SER A 70 6.07 -16.13 -30.42
C SER A 70 6.48 -17.50 -30.94
N PRO A 71 7.23 -17.57 -32.05
CA PRO A 71 7.73 -18.90 -32.48
C PRO A 71 8.82 -19.47 -31.60
N GLU A 72 9.74 -18.64 -31.07
CA GLU A 72 10.85 -19.16 -30.28
C GLU A 72 10.34 -19.95 -29.07
N LEU A 73 9.53 -19.31 -28.23
CA LEU A 73 8.83 -19.98 -27.16
C LEU A 73 7.45 -20.41 -27.65
N GLY A 74 6.73 -21.18 -26.84
CA GLY A 74 5.48 -21.70 -27.34
C GLY A 74 4.23 -20.90 -27.03
N TYR A 75 4.36 -19.67 -26.55
CA TYR A 75 3.21 -18.96 -25.99
C TYR A 75 2.82 -17.76 -26.84
N TRP A 76 1.61 -17.27 -26.57
CA TRP A 76 1.18 -15.95 -27.01
C TRP A 76 1.60 -14.93 -25.96
N VAL A 77 2.07 -13.78 -26.41
CA VAL A 77 2.65 -12.76 -25.55
C VAL A 77 1.67 -11.60 -25.42
N VAL A 78 1.45 -11.16 -24.18
CA VAL A 78 0.51 -10.08 -23.87
C VAL A 78 1.29 -8.99 -23.14
N THR A 79 1.13 -7.76 -23.62
CA THR A 79 2.13 -6.73 -23.40
C THR A 79 1.60 -5.51 -22.67
N ARG A 80 0.33 -5.14 -22.82
CA ARG A 80 -0.20 -3.89 -22.25
C ARG A 80 -0.96 -4.14 -20.95
N TYR A 81 -0.98 -3.11 -20.10
CA TYR A 81 -1.32 -3.26 -18.68
C TYR A 81 -2.81 -3.57 -18.47
N GLU A 82 -3.69 -2.90 -19.21
CA GLU A 82 -5.11 -3.27 -19.15
C GLU A 82 -5.29 -4.74 -19.49
N ASP A 83 -4.56 -5.23 -20.49
CA ASP A 83 -4.78 -6.59 -20.99
C ASP A 83 -4.30 -7.64 -20.00
N VAL A 84 -3.10 -7.48 -19.45
CA VAL A 84 -2.61 -8.51 -18.53
C VAL A 84 -3.33 -8.43 -17.19
N LYS A 85 -3.83 -7.24 -16.81
CA LYS A 85 -4.72 -7.18 -15.67
C LYS A 85 -6.02 -7.92 -15.98
N ALA A 86 -6.52 -7.78 -17.21
CA ALA A 86 -7.74 -8.47 -17.59
C ALA A 86 -7.56 -9.98 -17.60
N VAL A 87 -6.35 -10.46 -17.92
CA VAL A 87 -6.10 -11.89 -17.88
C VAL A 87 -6.13 -12.39 -16.44
N PHE A 88 -5.59 -11.60 -15.51
CA PHE A 88 -5.55 -12.00 -14.11
C PHE A 88 -6.95 -12.13 -13.52
N ARG A 89 -7.87 -11.23 -13.89
CA ARG A 89 -9.19 -11.22 -13.28
C ARG A 89 -10.07 -12.35 -13.82
N GLY A 90 -9.97 -12.68 -15.11
CA GLY A 90 -10.77 -13.74 -15.67
C GLY A 90 -10.18 -15.11 -15.38
N ASN A 91 -10.26 -15.54 -14.11
CA ASN A 91 -9.63 -16.79 -13.72
C ASN A 91 -10.39 -18.03 -14.15
N GLU A 92 -11.57 -17.86 -14.75
CA GLU A 92 -12.26 -18.99 -15.38
C GLU A 92 -11.81 -19.20 -16.82
N LEU A 93 -11.45 -18.11 -17.50
CA LEU A 93 -10.97 -18.17 -18.88
C LEU A 93 -9.48 -18.42 -18.97
N PHE A 94 -8.70 -17.90 -18.02
CA PHE A 94 -7.25 -18.04 -18.02
C PHE A 94 -6.83 -18.74 -16.73
N SER A 95 -6.56 -20.04 -16.84
CA SER A 95 -6.27 -20.91 -15.70
C SER A 95 -4.80 -20.80 -15.29
N PRO A 96 -4.50 -20.81 -14.00
CA PRO A 96 -3.10 -20.84 -13.55
C PRO A 96 -2.52 -22.25 -13.55
N SER A 97 -3.17 -23.18 -14.26
CA SER A 97 -2.69 -24.56 -14.34
C SER A 97 -1.20 -24.63 -14.66
N ILE A 98 -0.73 -23.74 -15.53
CA ILE A 98 0.64 -23.82 -16.05
C ILE A 98 1.58 -22.87 -15.32
N ALA A 99 1.17 -22.37 -14.15
CA ALA A 99 1.90 -21.28 -13.49
C ALA A 99 3.36 -21.66 -13.20
N LEU A 100 3.60 -22.91 -12.78
CA LEU A 100 4.97 -23.39 -12.58
C LEU A 100 5.30 -24.58 -13.48
N GLU A 101 4.60 -24.70 -14.60
CA GLU A 101 4.98 -25.67 -15.62
C GLU A 101 6.39 -25.37 -16.11
N LYS A 102 7.24 -26.39 -16.13
CA LYS A 102 8.62 -26.18 -16.53
C LYS A 102 8.73 -26.05 -18.04
N ILE A 103 9.51 -25.07 -18.49
CA ILE A 103 9.59 -24.75 -19.91
C ILE A 103 10.06 -25.97 -20.70
N THR A 104 11.24 -26.48 -20.34
CA THR A 104 11.63 -27.77 -20.92
C THR A 104 11.25 -28.89 -19.96
N PRO A 105 10.69 -29.98 -20.48
CA PRO A 105 10.16 -31.04 -19.61
C PRO A 105 11.25 -31.74 -18.82
N THR A 106 10.84 -32.30 -17.69
CA THR A 106 11.76 -33.03 -16.83
C THR A 106 12.14 -34.36 -17.47
N SER A 107 13.44 -34.65 -17.52
CA SER A 107 13.91 -35.88 -18.13
C SER A 107 13.51 -37.09 -17.31
N ASP A 108 13.54 -38.27 -17.95
CA ASP A 108 13.25 -39.51 -17.24
C ASP A 108 14.20 -39.70 -16.07
N GLU A 109 15.47 -39.34 -16.26
CA GLU A 109 16.46 -39.43 -15.18
C GLU A 109 16.02 -38.61 -13.96
N ALA A 110 15.67 -37.34 -14.18
CA ALA A 110 15.35 -36.47 -13.06
C ALA A 110 14.03 -36.84 -12.40
N ASN A 111 13.07 -37.37 -13.16
CA ASN A 111 11.84 -37.88 -12.54
C ASN A 111 12.13 -39.09 -11.68
N ALA A 112 13.02 -39.97 -12.14
CA ALA A 112 13.42 -41.12 -11.33
C ALA A 112 14.03 -40.67 -10.01
N VAL A 113 14.86 -39.61 -10.05
CA VAL A 113 15.43 -39.08 -8.82
C VAL A 113 14.35 -38.56 -7.89
N LEU A 114 13.36 -37.87 -8.45
CA LEU A 114 12.24 -37.38 -7.65
C LEU A 114 11.45 -38.53 -7.06
N ALA A 115 11.18 -39.58 -7.86
CA ALA A 115 10.41 -40.71 -7.37
C ALA A 115 11.15 -41.49 -6.29
N ARG A 116 12.49 -41.43 -6.29
CA ARG A 116 13.25 -42.16 -5.28
C ARG A 116 13.02 -41.61 -3.88
N TYR A 117 12.83 -40.30 -3.75
CA TYR A 117 12.38 -39.71 -2.49
C TYR A 117 10.87 -39.75 -2.36
N GLY A 118 10.17 -40.43 -3.27
CA GLY A 118 8.72 -40.54 -3.23
C GLY A 118 8.03 -39.20 -3.10
N TYR A 119 8.47 -38.22 -3.89
CA TYR A 119 7.95 -36.86 -3.81
C TYR A 119 6.70 -36.73 -4.66
N ALA A 120 5.63 -36.21 -4.07
CA ALA A 120 4.39 -35.96 -4.79
C ALA A 120 3.77 -34.69 -4.19
N MET A 121 4.08 -33.56 -4.81
CA MET A 121 3.55 -32.29 -4.34
C MET A 121 2.24 -31.97 -5.05
N ASN A 122 1.24 -31.60 -4.27
CA ASN A 122 0.00 -31.09 -4.81
C ASN A 122 0.18 -29.66 -5.30
N ARG A 123 -0.62 -29.29 -6.28
CA ARG A 123 -0.71 -27.89 -6.68
C ARG A 123 -1.16 -27.06 -5.47
N THR A 124 -0.34 -26.09 -5.06
CA THR A 124 -0.56 -25.35 -3.82
C THR A 124 -0.70 -23.85 -4.11
N LEU A 125 -1.95 -23.45 -4.30
CA LEU A 125 -2.48 -22.10 -4.40
C LEU A 125 -2.06 -21.36 -5.66
N VAL A 126 -0.90 -21.68 -6.21
CA VAL A 126 -0.43 -20.92 -7.37
C VAL A 126 -0.89 -21.61 -8.64
N ASN A 127 -0.97 -22.94 -8.61
CA ASN A 127 -1.45 -23.77 -9.70
C ASN A 127 -2.91 -24.14 -9.57
N GLU A 128 -3.48 -24.05 -8.36
CA GLU A 128 -4.80 -24.61 -8.13
C GLU A 128 -5.85 -23.87 -8.92
N ASP A 129 -6.65 -24.62 -9.66
CA ASP A 129 -7.84 -24.05 -10.23
C ASP A 129 -8.92 -23.92 -9.17
N GLU A 130 -10.00 -23.27 -9.55
CA GLU A 130 -11.22 -23.32 -8.76
C GLU A 130 -11.94 -24.63 -9.05
N PRO A 131 -12.79 -25.10 -8.14
CA PRO A 131 -13.21 -24.45 -6.89
C PRO A 131 -12.32 -24.72 -5.67
N ALA A 132 -11.19 -25.41 -5.86
CA ALA A 132 -10.36 -25.76 -4.71
C ALA A 132 -9.55 -24.57 -4.19
N HIS A 133 -9.20 -23.62 -5.05
CA HIS A 133 -8.20 -22.63 -4.70
C HIS A 133 -8.72 -21.62 -3.67
N MET A 134 -9.92 -21.06 -3.91
CA MET A 134 -10.39 -19.96 -3.07
C MET A 134 -10.60 -20.38 -1.61
N PRO A 135 -11.29 -21.48 -1.30
CA PRO A 135 -11.41 -21.86 0.13
C PRO A 135 -10.07 -22.04 0.81
N ARG A 136 -9.08 -22.61 0.12
CA ARG A 136 -7.77 -22.79 0.72
C ARG A 136 -7.06 -21.44 0.89
N ARG A 137 -7.26 -20.52 -0.05
CA ARG A 137 -6.66 -19.19 0.07
C ARG A 137 -7.30 -18.42 1.22
N ARG A 138 -8.63 -18.39 1.26
CA ARG A 138 -9.33 -17.68 2.33
C ARG A 138 -9.01 -18.30 3.68
N ALA A 139 -8.93 -19.63 3.75
CA ALA A 139 -8.61 -20.28 5.02
C ALA A 139 -7.20 -19.96 5.48
N LEU A 140 -6.25 -19.92 4.55
CA LEU A 140 -4.85 -19.73 4.90
C LEU A 140 -4.39 -18.28 4.81
N MET A 141 -5.33 -17.33 4.68
CA MET A 141 -4.96 -15.95 4.40
C MET A 141 -4.43 -15.23 5.62
N GLU A 142 -5.07 -15.42 6.78
CA GLU A 142 -4.87 -14.54 7.94
C GLU A 142 -3.41 -14.28 8.31
N PRO A 143 -2.50 -15.25 8.35
CA PRO A 143 -1.11 -14.94 8.72
C PRO A 143 -0.43 -13.95 7.77
N PHE A 144 -0.95 -13.79 6.55
CA PHE A 144 -0.35 -12.87 5.59
C PHE A 144 -0.79 -11.43 5.79
N THR A 145 -1.87 -11.20 6.53
CA THR A 145 -2.38 -9.84 6.69
C THR A 145 -1.38 -8.97 7.44
N PRO A 146 -1.37 -7.66 7.19
CA PRO A 146 -0.47 -6.77 7.94
C PRO A 146 -0.62 -6.86 9.45
N ALA A 147 -1.83 -7.11 9.95
CA ALA A 147 -2.01 -7.26 11.38
C ALA A 147 -1.28 -8.50 11.90
N ALA A 148 -1.35 -9.61 11.16
CA ALA A 148 -0.65 -10.82 11.59
C ALA A 148 0.85 -10.69 11.43
N LEU A 149 1.31 -9.94 10.43
CA LEU A 149 2.73 -9.79 10.18
C LEU A 149 3.41 -8.91 11.23
N ALA A 150 2.65 -8.18 12.06
CA ALA A 150 3.26 -7.31 13.05
C ALA A 150 4.10 -8.09 14.04
N HIS A 151 3.76 -9.36 14.29
CA HIS A 151 4.56 -10.18 15.19
C HIS A 151 5.96 -10.41 14.64
N HIS A 152 6.08 -10.57 13.32
CA HIS A 152 7.35 -10.96 12.71
C HIS A 152 8.30 -9.80 12.48
N GLU A 153 7.86 -8.55 12.68
CA GLU A 153 8.72 -7.41 12.40
C GLU A 153 10.01 -7.36 13.22
N PRO A 154 10.04 -7.75 14.50
CA PRO A 154 11.34 -7.81 15.18
C PRO A 154 12.27 -8.87 14.63
N MET A 155 11.73 -10.00 14.15
CA MET A 155 12.57 -11.08 13.67
C MET A 155 13.35 -10.69 12.42
N VAL A 156 12.69 -9.99 11.48
CA VAL A 156 13.37 -9.61 10.25
C VAL A 156 14.38 -8.50 10.51
N ARG A 157 14.09 -7.59 11.45
CA ARG A 157 15.06 -6.57 11.80
C ARG A 157 16.30 -7.20 12.44
N ARG A 158 16.11 -8.24 13.27
CA ARG A 158 17.25 -8.97 13.82
C ARG A 158 18.07 -9.61 12.71
N LEU A 159 17.42 -10.32 11.79
CA LEU A 159 18.15 -11.05 10.76
C LEU A 159 18.78 -10.10 9.75
N THR A 160 18.11 -8.98 9.43
CA THR A 160 18.69 -8.02 8.49
C THR A 160 20.00 -7.45 9.02
N ARG A 161 20.12 -7.29 10.35
CA ARG A 161 21.33 -6.71 10.91
C ARG A 161 22.40 -7.76 11.20
N GLU A 162 22.01 -8.94 11.69
CA GLU A 162 22.97 -10.03 11.89
C GLU A 162 23.86 -10.23 10.67
N TYR A 163 23.34 -9.96 9.48
CA TYR A 163 24.11 -10.12 8.25
C TYR A 163 24.93 -8.89 7.90
N VAL A 164 24.33 -7.69 8.00
CA VAL A 164 25.02 -6.50 7.51
C VAL A 164 26.25 -6.17 8.35
N ASP A 165 26.24 -6.53 9.64
CA ASP A 165 27.38 -6.20 10.49
C ASP A 165 28.57 -7.13 10.29
N ARG A 166 28.42 -8.21 9.50
CA ARG A 166 29.58 -9.05 9.20
C ARG A 166 30.49 -8.36 8.19
N PHE A 167 29.90 -7.65 7.23
CA PHE A 167 30.65 -6.99 6.16
C PHE A 167 30.63 -5.48 6.29
N ILE A 168 30.28 -4.96 7.48
CA ILE A 168 30.07 -3.52 7.67
C ILE A 168 31.37 -2.74 7.51
N ASP A 169 32.50 -3.32 7.91
CA ASP A 169 33.75 -2.61 8.00
C ASP A 169 34.67 -2.82 6.80
N THR A 170 34.23 -3.60 5.80
CA THR A 170 35.09 -3.90 4.67
C THR A 170 35.14 -2.78 3.65
N GLY A 171 34.07 -2.00 3.52
CA GLY A 171 33.97 -1.04 2.45
C GLY A 171 33.68 -1.64 1.10
N HIS A 172 33.35 -2.93 1.05
CA HIS A 172 33.26 -3.66 -0.21
C HIS A 172 32.55 -4.98 0.05
N VAL A 173 31.48 -5.25 -0.70
CA VAL A 173 30.68 -6.44 -0.49
C VAL A 173 29.84 -6.68 -1.74
N ASP A 174 29.57 -7.95 -2.05
CA ASP A 174 28.45 -8.30 -2.91
C ASP A 174 27.23 -8.40 -2.02
N LEU A 175 26.32 -7.42 -2.14
CA LEU A 175 25.12 -7.44 -1.33
C LEU A 175 24.33 -8.74 -1.55
N VAL A 176 24.25 -9.20 -2.79
CA VAL A 176 23.41 -10.36 -3.13
C VAL A 176 23.82 -11.58 -2.30
N ASP A 177 25.07 -12.04 -2.48
CA ASP A 177 25.48 -13.31 -1.89
C ASP A 177 25.56 -13.22 -0.37
N GLU A 178 26.08 -12.11 0.16
CA GLU A 178 26.30 -12.02 1.59
C GLU A 178 25.08 -11.51 2.35
N MET A 179 24.22 -10.71 1.72
CA MET A 179 23.03 -10.22 2.42
C MET A 179 21.72 -10.65 1.77
N LEU A 180 21.48 -10.29 0.50
CA LEU A 180 20.11 -10.32 -0.02
C LEU A 180 19.66 -11.70 -0.48
N TRP A 181 20.59 -12.60 -0.81
CA TRP A 181 20.18 -13.94 -1.18
C TRP A 181 19.72 -14.75 0.03
N GLU A 182 20.29 -14.46 1.20
CA GLU A 182 20.09 -15.28 2.38
C GLU A 182 18.89 -14.85 3.22
N VAL A 183 18.81 -13.56 3.54
CA VAL A 183 17.83 -13.09 4.55
C VAL A 183 16.40 -13.49 4.20
N PRO A 184 15.91 -13.30 2.97
CA PRO A 184 14.52 -13.70 2.69
C PRO A 184 14.25 -15.18 2.90
N LEU A 185 15.29 -16.02 2.78
CA LEU A 185 15.09 -17.45 3.03
C LEU A 185 14.84 -17.71 4.50
N THR A 186 15.61 -17.06 5.39
CA THR A 186 15.48 -17.31 6.82
C THR A 186 14.13 -16.82 7.35
N VAL A 187 13.73 -15.60 6.98
CA VAL A 187 12.48 -15.08 7.52
C VAL A 187 11.31 -15.89 6.98
N ALA A 188 11.43 -16.42 5.76
CA ALA A 188 10.39 -17.32 5.27
C ALA A 188 10.28 -18.54 6.17
N LEU A 189 11.42 -19.12 6.56
CA LEU A 189 11.38 -20.23 7.51
C LEU A 189 10.74 -19.80 8.82
N HIS A 190 11.07 -18.59 9.31
CA HIS A 190 10.47 -18.10 10.54
C HIS A 190 8.98 -17.80 10.34
N PHE A 191 8.60 -17.26 9.18
CA PHE A 191 7.19 -17.04 8.91
C PHE A 191 6.42 -18.35 8.89
N LEU A 192 7.05 -19.42 8.45
CA LEU A 192 6.38 -20.71 8.32
C LEU A 192 6.21 -21.40 9.67
N GLY A 193 7.04 -21.05 10.64
CA GLY A 193 6.96 -21.62 11.97
C GLY A 193 7.84 -22.82 12.24
N VAL A 194 8.89 -23.03 11.45
CA VAL A 194 9.76 -24.20 11.57
C VAL A 194 10.75 -23.96 12.72
N PRO A 195 11.07 -24.98 13.52
CA PRO A 195 12.04 -24.80 14.61
C PRO A 195 13.39 -24.35 14.07
N GLU A 196 14.07 -23.49 14.84
CA GLU A 196 15.38 -23.01 14.45
C GLU A 196 16.40 -24.16 14.38
N GLU A 197 16.23 -25.18 15.23
CA GLU A 197 17.00 -26.41 15.10
C GLU A 197 17.00 -26.93 13.67
N ASP A 198 15.84 -26.91 13.03
CA ASP A 198 15.62 -27.56 11.74
C ASP A 198 15.89 -26.67 10.54
N MET A 199 16.26 -25.40 10.76
CA MET A 199 16.26 -24.46 9.65
C MET A 199 17.50 -24.64 8.78
N ASP A 200 18.67 -24.80 9.39
CA ASP A 200 19.90 -24.76 8.61
C ASP A 200 19.97 -25.84 7.54
N THR A 201 19.32 -27.00 7.72
CA THR A 201 19.37 -27.95 6.62
C THR A 201 18.37 -27.59 5.54
N LEU A 202 17.16 -27.18 5.94
CA LEU A 202 16.17 -26.80 4.92
C LEU A 202 16.73 -25.73 4.00
N ARG A 203 17.63 -24.89 4.50
CA ARG A 203 18.29 -23.91 3.65
C ARG A 203 19.34 -24.55 2.76
N GLU A 204 20.12 -25.50 3.31
CA GLU A 204 21.06 -26.25 2.49
C GLU A 204 20.35 -26.86 1.29
N TYR A 205 19.11 -27.30 1.47
CA TYR A 205 18.31 -27.89 0.41
C TYR A 205 17.50 -26.84 -0.36
N SER A 206 17.73 -25.55 -0.12
CA SER A 206 17.03 -24.48 -0.81
C SER A 206 17.92 -23.95 -1.93
N ILE A 207 17.40 -23.94 -3.16
CA ILE A 207 18.19 -23.63 -4.34
C ILE A 207 17.40 -22.74 -5.29
N ALA A 208 18.09 -22.27 -6.33
CA ALA A 208 17.46 -21.50 -7.38
C ALA A 208 16.65 -22.40 -8.31
N HIS A 209 15.46 -21.94 -8.68
CA HIS A 209 14.58 -22.68 -9.57
C HIS A 209 14.31 -21.96 -10.89
N THR A 210 14.89 -20.77 -11.10
CA THR A 210 14.51 -19.94 -12.23
C THR A 210 14.81 -20.63 -13.56
N VAL A 211 16.04 -21.11 -13.73
CA VAL A 211 16.40 -21.72 -15.00
C VAL A 211 15.72 -23.08 -15.16
N ASN A 212 15.49 -23.81 -14.06
CA ASN A 212 14.93 -25.15 -14.17
C ASN A 212 13.42 -25.12 -14.35
N THR A 213 12.74 -24.10 -13.86
CA THR A 213 11.32 -23.95 -14.13
C THR A 213 11.03 -23.07 -15.33
N TRP A 214 11.79 -22.00 -15.54
CA TRP A 214 11.46 -21.00 -16.54
C TRP A 214 12.53 -20.82 -17.63
N GLY A 215 13.52 -21.71 -17.69
CA GLY A 215 14.62 -21.59 -18.63
C GLY A 215 14.80 -22.85 -19.45
N ARG A 216 16.03 -23.06 -19.89
CA ARG A 216 16.39 -24.21 -20.73
C ARG A 216 17.56 -24.94 -20.07
N PRO A 217 17.30 -25.70 -19.03
CA PRO A 217 18.39 -26.36 -18.29
C PRO A 217 18.92 -27.59 -19.01
N ALA A 218 20.19 -27.89 -18.74
CA ALA A 218 20.81 -29.11 -19.22
C ALA A 218 20.34 -30.30 -18.40
N PRO A 219 20.41 -31.51 -18.96
CA PRO A 219 20.00 -32.70 -18.20
C PRO A 219 20.63 -32.81 -16.81
N GLU A 220 21.88 -32.37 -16.67
CA GLU A 220 22.56 -32.40 -15.37
C GLU A 220 21.93 -31.41 -14.39
N GLN A 221 21.56 -30.24 -14.86
CA GLN A 221 20.87 -29.26 -14.01
C GLN A 221 19.55 -29.83 -13.51
N GLN A 222 18.78 -30.45 -14.41
CA GLN A 222 17.49 -31.01 -14.04
C GLN A 222 17.62 -31.99 -12.88
N VAL A 223 18.61 -32.88 -12.94
CA VAL A 223 18.75 -33.89 -11.90
C VAL A 223 19.21 -33.25 -10.58
N ALA A 224 20.15 -32.30 -10.65
CA ALA A 224 20.66 -31.68 -9.44
C ALA A 224 19.55 -30.95 -8.68
N VAL A 225 18.57 -30.43 -9.41
CA VAL A 225 17.40 -29.84 -8.76
C VAL A 225 16.52 -30.93 -8.17
N ALA A 226 16.22 -31.97 -8.96
CA ALA A 226 15.42 -33.09 -8.46
C ALA A 226 16.05 -33.73 -7.24
N ASP A 227 17.38 -33.69 -7.13
CA ASP A 227 18.05 -34.24 -5.96
C ASP A 227 17.87 -33.34 -4.75
N ALA A 228 18.06 -32.03 -4.93
CA ALA A 228 17.88 -31.10 -3.82
C ALA A 228 16.41 -30.98 -3.42
N VAL A 229 15.50 -31.06 -4.39
CA VAL A 229 14.08 -30.95 -4.07
C VAL A 229 13.58 -32.22 -3.37
N GLY A 230 14.07 -33.38 -3.81
CA GLY A 230 13.71 -34.62 -3.15
C GLY A 230 14.23 -34.71 -1.71
N LYS A 231 15.49 -34.33 -1.51
CA LYS A 231 16.03 -34.24 -0.16
C LYS A 231 15.15 -33.37 0.72
N PHE A 232 14.74 -32.22 0.19
CA PHE A 232 13.97 -31.28 0.97
C PHE A 232 12.54 -31.78 1.21
N TRP A 233 11.99 -32.59 0.31
CA TRP A 233 10.60 -33.02 0.45
C TRP A 233 10.42 -33.95 1.64
N GLN A 234 11.34 -34.91 1.83
CA GLN A 234 11.18 -35.87 2.90
C GLN A 234 11.69 -35.37 4.23
N PHE A 235 12.72 -34.52 4.24
CA PHE A 235 13.09 -33.87 5.50
C PHE A 235 11.97 -32.95 5.98
N ALA A 236 11.40 -32.17 5.07
CA ALA A 236 10.26 -31.36 5.50
C ALA A 236 9.09 -32.24 5.95
N GLY A 237 9.08 -33.52 5.56
CA GLY A 237 8.05 -34.42 6.04
C GLY A 237 8.18 -34.72 7.53
N THR A 238 9.41 -34.93 8.00
CA THR A 238 9.64 -35.10 9.42
C THR A 238 9.34 -33.82 10.18
N VAL A 239 9.76 -32.69 9.64
CA VAL A 239 9.53 -31.40 10.31
C VAL A 239 8.05 -31.18 10.55
N LEU A 240 7.22 -31.49 9.55
CA LEU A 240 5.78 -31.35 9.72
C LEU A 240 5.24 -32.30 10.78
N ASP A 241 5.75 -33.54 10.81
CA ASP A 241 5.34 -34.47 11.84
C ASP A 241 5.77 -34.01 13.23
N LYS A 242 6.94 -33.37 13.32
CA LYS A 242 7.42 -32.89 14.61
C LYS A 242 6.52 -31.77 15.14
N MET A 243 6.25 -30.76 14.33
CA MET A 243 5.37 -29.67 14.72
C MET A 243 3.90 -30.04 14.61
N ARG A 244 3.59 -31.28 14.22
CA ARG A 244 2.21 -31.70 14.10
C ARG A 244 1.48 -31.66 15.44
N LYS A 245 2.20 -31.74 16.56
CA LYS A 245 1.54 -31.86 17.86
C LYS A 245 1.82 -30.65 18.76
N ASP A 246 2.36 -29.56 18.19
CA ASP A 246 2.37 -28.23 18.79
C ASP A 246 1.69 -27.31 17.79
N PRO A 247 0.38 -27.46 17.58
CA PRO A 247 -0.30 -26.60 16.61
C PRO A 247 -0.45 -25.17 17.08
N ASP A 248 -0.61 -24.94 18.39
CA ASP A 248 -0.89 -23.60 18.91
C ASP A 248 0.42 -22.87 19.23
N GLY A 249 1.12 -22.54 18.15
CA GLY A 249 2.32 -21.73 18.18
C GLY A 249 2.38 -20.87 16.94
N HIS A 250 3.39 -20.02 16.86
CA HIS A 250 3.46 -19.04 15.78
C HIS A 250 4.03 -19.65 14.50
N GLY A 251 3.56 -19.13 13.37
CA GLY A 251 3.99 -19.62 12.07
C GLY A 251 2.83 -19.96 11.16
N TRP A 252 3.10 -19.98 9.85
CA TRP A 252 2.04 -20.32 8.89
C TRP A 252 1.67 -21.80 8.99
N MET A 253 2.68 -22.68 9.11
CA MET A 253 2.40 -24.10 9.17
C MET A 253 1.61 -24.51 10.42
N PRO A 254 1.96 -24.08 11.64
CA PRO A 254 1.09 -24.39 12.78
C PRO A 254 -0.31 -23.81 12.63
N PHE A 255 -0.42 -22.60 12.08
CA PHE A 255 -1.72 -22.06 11.69
C PHE A 255 -2.42 -23.01 10.71
N GLY A 256 -1.66 -23.60 9.80
CA GLY A 256 -2.26 -24.55 8.87
C GLY A 256 -2.76 -25.82 9.53
N ILE A 257 -2.14 -26.21 10.65
CA ILE A 257 -2.55 -27.44 11.31
C ILE A 257 -3.92 -27.26 11.98
N ARG A 258 -4.17 -26.09 12.55
CA ARG A 258 -5.44 -25.87 13.23
C ARG A 258 -6.62 -25.83 12.26
N VAL A 259 -6.39 -25.30 11.05
CA VAL A 259 -7.46 -25.30 10.07
C VAL A 259 -7.73 -26.72 9.57
N GLN A 260 -6.74 -27.61 9.64
CA GLN A 260 -6.96 -29.01 9.30
C GLN A 260 -7.95 -29.65 10.26
N GLN A 261 -7.80 -29.40 11.56
CA GLN A 261 -8.77 -29.94 12.50
C GLN A 261 -10.12 -29.24 12.38
N GLU A 262 -10.12 -27.98 11.97
CA GLU A 262 -11.39 -27.27 11.78
C GLU A 262 -12.06 -27.66 10.47
N GLN A 263 -11.29 -27.80 9.38
CA GLN A 263 -11.82 -28.16 8.07
C GLN A 263 -10.96 -29.30 7.50
N PRO A 264 -11.22 -30.53 7.91
CA PRO A 264 -10.33 -31.65 7.51
C PRO A 264 -10.32 -31.95 6.01
N ASP A 265 -11.38 -31.62 5.29
CA ASP A 265 -11.41 -31.88 3.86
C ASP A 265 -10.77 -30.75 3.05
N VAL A 266 -10.84 -29.53 3.56
CA VAL A 266 -10.26 -28.38 2.88
C VAL A 266 -8.75 -28.46 2.91
N VAL A 267 -8.19 -28.95 4.00
CA VAL A 267 -6.78 -28.89 4.29
C VAL A 267 -6.36 -30.30 4.69
N THR A 268 -5.56 -30.94 3.85
CA THR A 268 -5.24 -32.36 3.98
C THR A 268 -3.78 -32.55 4.34
N ASP A 269 -3.44 -33.77 4.79
CA ASP A 269 -2.06 -34.04 5.16
C ASP A 269 -1.12 -33.84 3.98
N SER A 270 -1.56 -34.19 2.77
CA SER A 270 -0.77 -33.93 1.58
C SER A 270 -0.58 -32.44 1.36
N TYR A 271 -1.59 -31.64 1.69
CA TYR A 271 -1.56 -30.22 1.34
C TYR A 271 -0.52 -29.46 2.17
N LEU A 272 -0.50 -29.68 3.49
CA LEU A 272 0.47 -28.97 4.31
C LEU A 272 1.88 -29.48 4.07
N HIS A 273 2.02 -30.76 3.71
CA HIS A 273 3.33 -31.22 3.24
C HIS A 273 3.73 -30.47 1.98
N SER A 274 2.76 -30.20 1.10
CA SER A 274 3.03 -29.33 -0.04
C SER A 274 3.24 -27.89 0.41
N MET A 275 2.48 -27.44 1.40
CA MET A 275 2.61 -26.07 1.91
C MET A 275 4.00 -25.79 2.46
N MET A 276 4.76 -26.83 2.81
CA MET A 276 6.09 -26.61 3.36
C MET A 276 7.07 -26.12 2.29
N MET A 277 7.10 -26.80 1.13
CA MET A 277 7.96 -26.35 0.05
C MET A 277 7.36 -25.17 -0.69
N ALA A 278 6.07 -25.24 -1.01
CA ALA A 278 5.42 -24.14 -1.69
C ALA A 278 5.66 -22.82 -0.98
N GLY A 279 5.74 -22.87 0.36
CA GLY A 279 5.86 -21.64 1.14
C GLY A 279 7.14 -20.88 0.85
N ILE A 280 8.29 -21.56 0.90
CA ILE A 280 9.57 -20.86 0.84
C ILE A 280 10.16 -20.81 -0.57
N VAL A 281 9.56 -21.49 -1.55
CA VAL A 281 9.97 -21.23 -2.92
C VAL A 281 9.21 -20.02 -3.47
N ALA A 282 8.01 -19.76 -2.96
CA ALA A 282 7.29 -18.55 -3.33
C ALA A 282 7.90 -17.32 -2.69
N ALA A 283 8.76 -17.49 -1.68
CA ALA A 283 9.22 -16.40 -0.84
C ALA A 283 10.68 -16.04 -1.03
N HIS A 284 11.52 -16.97 -1.48
CA HIS A 284 12.97 -16.75 -1.41
C HIS A 284 13.50 -15.92 -2.57
N GLU A 285 13.41 -16.44 -3.80
CA GLU A 285 14.08 -15.78 -4.92
C GLU A 285 13.38 -14.49 -5.31
N THR A 286 12.05 -14.50 -5.31
CA THR A 286 11.31 -13.30 -5.69
C THR A 286 11.66 -12.13 -4.79
N THR A 287 11.82 -12.37 -3.48
CA THR A 287 12.17 -11.28 -2.58
C THR A 287 13.64 -10.89 -2.74
N ALA A 288 14.53 -11.87 -2.80
CA ALA A 288 15.94 -11.56 -3.01
C ALA A 288 16.14 -10.73 -4.27
N ASN A 289 15.59 -11.19 -5.40
CA ASN A 289 15.73 -10.46 -6.66
C ASN A 289 15.15 -9.06 -6.56
N ALA A 290 14.01 -8.91 -5.87
CA ALA A 290 13.43 -7.59 -5.68
C ALA A 290 14.37 -6.69 -4.90
N SER A 291 14.91 -7.19 -3.80
CA SER A 291 15.91 -6.44 -3.03
C SER A 291 17.05 -6.00 -3.93
N ALA A 292 17.66 -6.94 -4.64
CA ALA A 292 18.81 -6.64 -5.48
C ALA A 292 18.46 -5.65 -6.57
N ASN A 293 17.31 -5.82 -7.22
CA ASN A 293 16.89 -4.86 -8.25
C ASN A 293 16.79 -3.46 -7.66
N ALA A 294 16.08 -3.31 -6.54
CA ALA A 294 15.85 -2.00 -5.96
C ALA A 294 17.16 -1.31 -5.59
N LEU A 295 18.08 -2.06 -4.97
CA LEU A 295 19.37 -1.47 -4.62
C LEU A 295 20.18 -1.08 -5.86
N ARG A 296 20.19 -1.93 -6.88
CA ARG A 296 20.83 -1.53 -8.14
C ARG A 296 20.12 -0.33 -8.74
N LEU A 297 18.79 -0.36 -8.77
CA LEU A 297 18.03 0.75 -9.36
C LEU A 297 18.28 2.05 -8.62
N LEU A 298 18.36 2.00 -7.29
CA LEU A 298 18.57 3.21 -6.50
C LEU A 298 19.98 3.74 -6.68
N LEU A 299 20.99 2.89 -6.49
CA LEU A 299 22.37 3.34 -6.62
C LEU A 299 22.72 3.81 -8.02
N GLU A 300 21.82 3.62 -9.00
CA GLU A 300 22.02 4.18 -10.34
C GLU A 300 21.62 5.65 -10.38
N HIS A 301 20.47 6.00 -9.81
CA HIS A 301 20.08 7.39 -9.59
C HIS A 301 20.43 7.71 -8.13
N ARG A 302 21.63 8.24 -7.91
CA ARG A 302 22.05 8.39 -6.52
C ARG A 302 21.41 9.59 -5.82
N ASP A 303 20.89 10.56 -6.58
CA ASP A 303 20.19 11.67 -5.93
C ASP A 303 18.97 11.17 -5.16
N VAL A 304 18.16 10.33 -5.80
CA VAL A 304 17.01 9.75 -5.11
C VAL A 304 17.47 8.79 -4.03
N TRP A 305 18.64 8.16 -4.20
CA TRP A 305 19.22 7.39 -3.11
C TRP A 305 19.45 8.27 -1.89
N GLU A 306 20.12 9.41 -2.08
CA GLU A 306 20.42 10.30 -0.97
C GLU A 306 19.16 10.89 -0.36
N GLU A 307 18.09 11.02 -1.15
CA GLU A 307 16.81 11.48 -0.62
C GLU A 307 16.29 10.51 0.43
N ILE A 308 16.31 9.21 0.12
CA ILE A 308 15.93 8.20 1.10
C ILE A 308 16.82 8.28 2.33
N CYS A 309 18.11 8.59 2.12
CA CYS A 309 19.03 8.73 3.25
C CYS A 309 18.67 9.91 4.13
N ALA A 310 18.09 10.97 3.56
CA ALA A 310 17.68 12.13 4.35
C ALA A 310 16.62 11.73 5.36
N ASP A 311 15.45 11.33 4.88
CA ASP A 311 14.38 10.83 5.74
C ASP A 311 13.90 9.49 5.19
N PRO A 312 13.78 8.47 6.03
CA PRO A 312 13.23 7.19 5.58
C PRO A 312 11.72 7.15 5.45
N SER A 313 11.03 8.29 5.54
CA SER A 313 9.57 8.30 5.47
C SER A 313 9.06 7.91 4.09
N LEU A 314 9.88 8.03 3.05
CA LEU A 314 9.47 7.71 1.68
C LEU A 314 9.89 6.32 1.25
N ILE A 315 10.51 5.55 2.14
CA ILE A 315 10.86 4.15 1.83
C ILE A 315 9.64 3.33 1.39
N PRO A 316 8.49 3.37 2.08
CA PRO A 316 7.36 2.53 1.66
C PRO A 316 6.96 2.70 0.20
N ASN A 317 6.69 3.93 -0.24
CA ASN A 317 6.37 4.12 -1.66
C ASN A 317 7.58 3.91 -2.55
N ALA A 318 8.79 4.19 -2.03
CA ALA A 318 10.00 3.94 -2.81
C ALA A 318 10.07 2.50 -3.27
N VAL A 319 9.93 1.56 -2.33
CA VAL A 319 10.00 0.15 -2.68
C VAL A 319 8.85 -0.25 -3.59
N GLU A 320 7.76 0.52 -3.61
CA GLU A 320 6.68 0.25 -4.55
C GLU A 320 7.04 0.71 -5.96
N GLU A 321 7.72 1.85 -6.09
CA GLU A 321 8.15 2.28 -7.41
C GLU A 321 9.21 1.37 -7.97
N CYS A 322 10.10 0.85 -7.11
CA CYS A 322 11.07 -0.15 -7.55
C CYS A 322 10.38 -1.41 -8.04
N LEU A 323 9.35 -1.87 -7.32
CA LEU A 323 8.63 -3.07 -7.74
C LEU A 323 7.90 -2.86 -9.05
N ARG A 324 7.42 -1.64 -9.31
CA ARG A 324 6.88 -1.31 -10.63
C ARG A 324 7.99 -1.23 -11.66
N HIS A 325 9.05 -0.49 -11.35
CA HIS A 325 10.08 -0.19 -12.33
C HIS A 325 10.97 -1.40 -12.59
N SER A 326 11.38 -2.10 -11.53
CA SER A 326 12.24 -3.28 -11.66
C SER A 326 11.74 -4.33 -10.67
N GLY A 327 10.79 -5.15 -11.11
CA GLY A 327 10.27 -6.21 -10.27
C GLY A 327 11.06 -7.51 -10.39
N SER A 328 10.66 -8.48 -9.57
CA SER A 328 11.22 -9.82 -9.63
C SER A 328 10.51 -10.72 -10.63
N VAL A 329 9.39 -10.27 -11.19
CA VAL A 329 8.56 -11.06 -12.08
C VAL A 329 8.51 -10.31 -13.41
N ALA A 330 9.34 -10.75 -14.37
CA ALA A 330 9.31 -10.14 -15.68
C ALA A 330 8.04 -10.52 -16.44
N ALA A 331 7.52 -11.72 -16.22
CA ALA A 331 6.32 -12.18 -16.89
C ALA A 331 5.72 -13.33 -16.09
N TRP A 332 4.45 -13.60 -16.35
CA TRP A 332 3.74 -14.68 -15.70
C TRP A 332 2.93 -15.43 -16.75
N ARG A 333 2.24 -16.48 -16.34
CA ARG A 333 1.68 -17.43 -17.30
C ARG A 333 0.27 -17.84 -16.93
N ARG A 334 -0.58 -17.96 -17.96
CA ARG A 334 -1.94 -18.44 -17.81
C ARG A 334 -2.26 -19.37 -18.98
N LEU A 335 -3.18 -20.30 -18.74
CA LEU A 335 -3.60 -21.28 -19.74
C LEU A 335 -5.01 -20.93 -20.20
N VAL A 336 -5.16 -20.60 -21.48
CA VAL A 336 -6.47 -20.23 -22.01
C VAL A 336 -7.35 -21.47 -22.03
N THR A 337 -8.57 -21.34 -21.52
CA THR A 337 -9.48 -22.48 -21.37
C THR A 337 -10.57 -22.53 -22.44
N ALA A 338 -10.76 -21.46 -23.21
CA ALA A 338 -11.76 -21.45 -24.26
C ALA A 338 -11.34 -20.45 -25.33
N ASP A 339 -11.87 -20.63 -26.54
CA ASP A 339 -11.57 -19.72 -27.63
C ASP A 339 -12.01 -18.32 -27.27
N THR A 340 -11.05 -17.39 -27.27
CA THR A 340 -11.30 -15.99 -26.95
C THR A 340 -10.61 -15.11 -27.98
N THR A 341 -10.88 -13.81 -27.89
CA THR A 341 -10.09 -12.80 -28.56
C THR A 341 -9.50 -11.89 -27.49
N ILE A 342 -8.22 -11.55 -27.65
CA ILE A 342 -7.52 -10.68 -26.72
C ILE A 342 -7.03 -9.49 -27.53
N ASN A 343 -7.69 -8.35 -27.37
CA ASN A 343 -7.34 -7.11 -28.08
C ASN A 343 -7.24 -7.34 -29.58
N GLY A 344 -8.29 -7.93 -30.15
CA GLY A 344 -8.39 -8.12 -31.57
C GLY A 344 -7.77 -9.40 -32.10
N VAL A 345 -6.82 -10.00 -31.37
CA VAL A 345 -6.15 -11.21 -31.82
C VAL A 345 -6.89 -12.42 -31.29
N GLU A 346 -7.26 -13.33 -32.19
CA GLU A 346 -7.93 -14.55 -31.77
C GLU A 346 -6.95 -15.49 -31.08
N VAL A 347 -7.33 -16.00 -29.92
CA VAL A 347 -6.50 -16.89 -29.12
C VAL A 347 -7.30 -18.16 -28.89
N PRO A 348 -6.77 -19.34 -29.21
CA PRO A 348 -7.55 -20.57 -29.10
C PRO A 348 -7.47 -21.21 -27.71
N ALA A 349 -8.40 -22.12 -27.47
CA ALA A 349 -8.38 -22.90 -26.25
C ALA A 349 -7.15 -23.80 -26.22
N GLY A 350 -6.51 -23.85 -25.06
CA GLY A 350 -5.25 -24.55 -24.92
C GLY A 350 -4.02 -23.68 -25.09
N ALA A 351 -4.18 -22.49 -25.67
CA ALA A 351 -3.07 -21.56 -25.80
C ALA A 351 -2.52 -21.19 -24.43
N LYS A 352 -1.21 -20.99 -24.37
CA LYS A 352 -0.52 -20.61 -23.15
C LYS A 352 -0.11 -19.15 -23.26
N LEU A 353 -0.40 -18.38 -22.21
CA LEU A 353 -0.17 -16.95 -22.22
C LEU A 353 1.12 -16.60 -21.48
N LEU A 354 1.90 -15.70 -22.07
CA LEU A 354 3.01 -15.04 -21.38
C LEU A 354 2.60 -13.59 -21.18
N ILE A 355 2.14 -13.27 -19.98
CA ILE A 355 1.64 -11.93 -19.66
C ILE A 355 2.78 -11.17 -18.98
N VAL A 356 3.32 -10.17 -19.67
CA VAL A 356 4.59 -9.55 -19.28
C VAL A 356 4.25 -8.47 -18.25
N ASN A 357 4.32 -8.84 -16.96
CA ASN A 357 4.13 -7.88 -15.88
C ASN A 357 5.10 -6.71 -16.03
N SER A 358 6.34 -7.00 -16.44
CA SER A 358 7.34 -5.93 -16.56
C SER A 358 6.95 -4.93 -17.62
N SER A 359 6.37 -5.39 -18.73
CA SER A 359 5.90 -4.46 -19.75
C SER A 359 4.66 -3.71 -19.26
N ALA A 360 3.75 -4.41 -18.58
CA ALA A 360 2.56 -3.78 -18.05
C ALA A 360 2.91 -2.61 -17.13
N ASN A 361 3.83 -2.84 -16.18
CA ASN A 361 4.29 -1.77 -15.32
C ASN A 361 4.86 -0.58 -16.07
N HIS A 362 5.18 -0.77 -17.36
CA HIS A 362 5.74 0.27 -18.21
C HIS A 362 4.83 0.58 -19.39
N ASP A 363 3.52 0.49 -19.21
CA ASP A 363 2.54 0.80 -20.27
C ASP A 363 2.05 2.23 -20.08
N GLU A 364 2.23 3.05 -21.13
CA GLU A 364 1.92 4.48 -21.03
C GLU A 364 0.45 4.74 -20.80
N ARG A 365 -0.43 3.79 -21.12
CA ARG A 365 -1.85 4.01 -20.99
C ARG A 365 -2.31 4.08 -19.53
N HIS A 366 -1.54 3.51 -18.60
CA HIS A 366 -1.92 3.56 -17.18
C HIS A 366 -1.02 4.42 -16.32
N PHE A 367 0.30 4.35 -16.48
CA PHE A 367 1.21 5.26 -15.79
C PHE A 367 1.66 6.33 -16.78
N ILE A 368 2.29 7.38 -16.24
CA ILE A 368 2.72 8.52 -17.04
C ILE A 368 4.19 8.80 -16.79
N SER A 369 4.96 8.99 -17.86
CA SER A 369 6.41 9.12 -17.77
C SER A 369 7.00 7.98 -16.95
N LEU A 370 6.94 6.80 -17.58
CA LEU A 370 6.94 5.48 -16.93
C LEU A 370 8.32 4.91 -16.73
N ASP A 371 9.20 5.13 -17.69
CA ASP A 371 10.56 4.66 -17.54
C ASP A 371 11.36 5.57 -16.62
N ASP A 372 10.73 6.64 -16.14
CA ASP A 372 11.28 7.44 -15.06
C ASP A 372 11.09 6.72 -13.73
N PHE A 373 12.08 6.85 -12.87
CA PHE A 373 12.08 6.22 -11.54
C PHE A 373 11.67 7.30 -10.55
N ASP A 374 10.41 7.26 -10.12
CA ASP A 374 9.77 8.34 -9.36
C ASP A 374 9.16 7.75 -8.10
N ILE A 375 9.86 7.85 -6.97
CA ILE A 375 9.40 7.08 -5.80
C ILE A 375 8.18 7.74 -5.14
N ARG A 376 8.01 9.06 -5.28
CA ARG A 376 6.79 9.69 -4.80
C ARG A 376 5.62 9.54 -5.76
N ARG A 377 5.78 8.78 -6.85
CA ARG A 377 4.69 8.53 -7.78
C ARG A 377 3.44 8.09 -7.03
N ASP A 378 2.35 8.82 -7.23
CA ASP A 378 1.07 8.50 -6.60
C ASP A 378 0.40 7.28 -7.23
N ASN A 379 1.12 6.58 -8.10
CA ASN A 379 0.57 5.51 -8.93
C ASN A 379 1.27 4.19 -8.76
N ALA A 380 2.38 4.15 -8.00
CA ALA A 380 3.22 2.95 -7.97
C ALA A 380 2.43 1.72 -7.54
N SER A 381 1.50 1.89 -6.59
CA SER A 381 0.77 0.78 -6.00
C SER A 381 0.02 -0.07 -7.04
N ASP A 382 -0.17 0.43 -8.26
CA ASP A 382 -0.91 -0.28 -9.29
C ASP A 382 -0.07 -1.29 -10.06
N HIS A 383 1.22 -1.43 -9.74
CA HIS A 383 2.05 -2.37 -10.49
C HIS A 383 1.54 -3.79 -10.31
N LEU A 384 1.81 -4.63 -11.30
CA LEU A 384 1.36 -6.02 -11.30
C LEU A 384 2.47 -6.99 -10.93
N THR A 385 3.51 -6.49 -10.26
CA THR A 385 4.62 -7.35 -9.84
C THR A 385 4.16 -8.42 -8.86
N PHE A 386 3.08 -8.18 -8.13
CA PHE A 386 2.51 -9.16 -7.22
C PHE A 386 1.35 -9.93 -7.83
N GLY A 387 1.06 -9.73 -9.10
CA GLY A 387 -0.13 -10.31 -9.69
C GLY A 387 -1.35 -9.48 -9.37
N TYR A 388 -2.52 -10.07 -9.63
CA TYR A 388 -3.77 -9.34 -9.50
C TYR A 388 -4.93 -10.32 -9.44
N GLY A 389 -5.91 -10.02 -8.59
CA GLY A 389 -7.13 -10.78 -8.52
C GLY A 389 -7.06 -12.02 -7.65
N SER A 390 -7.68 -13.10 -8.12
CA SER A 390 -7.87 -14.31 -7.33
C SER A 390 -6.59 -14.80 -6.66
N HIS A 391 -5.48 -14.82 -7.39
CA HIS A 391 -4.27 -15.46 -6.92
C HIS A 391 -3.18 -14.46 -6.51
N GLN A 392 -3.53 -13.18 -6.35
CA GLN A 392 -2.53 -12.18 -6.01
C GLN A 392 -1.68 -12.63 -4.83
N CYS A 393 -0.38 -12.38 -4.92
CA CYS A 393 0.61 -12.82 -3.96
C CYS A 393 0.15 -12.58 -2.53
N MET A 394 0.05 -13.66 -1.75
CA MET A 394 -0.40 -13.53 -0.38
C MET A 394 0.67 -12.92 0.51
N GLY A 395 1.94 -13.17 0.20
CA GLY A 395 3.02 -12.64 1.01
C GLY A 395 3.55 -11.32 0.51
N LYS A 396 2.73 -10.59 -0.24
CA LYS A 396 3.17 -9.30 -0.78
C LYS A 396 3.55 -8.33 0.33
N ASN A 397 2.78 -8.32 1.42
CA ASN A 397 3.13 -7.44 2.53
C ASN A 397 4.29 -7.98 3.35
N LEU A 398 4.47 -9.30 3.38
CA LEU A 398 5.70 -9.84 3.97
C LEU A 398 6.92 -9.40 3.16
N ALA A 399 6.81 -9.45 1.83
CA ALA A 399 7.90 -8.96 1.00
C ALA A 399 8.01 -7.44 1.05
N ARG A 400 6.87 -6.74 1.14
CA ARG A 400 6.90 -5.29 1.26
C ARG A 400 7.61 -4.86 2.54
N MET A 401 7.27 -5.49 3.66
CA MET A 401 7.95 -5.22 4.92
C MET A 401 9.44 -5.52 4.80
N GLU A 402 9.76 -6.70 4.26
CA GLU A 402 11.14 -7.15 4.14
C GLU A 402 12.00 -6.16 3.38
N ILE A 403 11.52 -5.71 2.22
CA ILE A 403 12.27 -4.75 1.42
C ILE A 403 12.43 -3.44 2.19
N GLN A 404 11.34 -2.97 2.79
CA GLN A 404 11.38 -1.69 3.50
C GLN A 404 12.45 -1.63 4.58
N ILE A 405 12.64 -2.72 5.32
CA ILE A 405 13.64 -2.74 6.38
C ILE A 405 15.04 -2.94 5.82
N PHE A 406 15.19 -3.85 4.87
CA PHE A 406 16.44 -3.93 4.14
C PHE A 406 16.91 -2.55 3.72
N LEU A 407 16.01 -1.80 3.08
CA LEU A 407 16.31 -0.49 2.57
C LEU A 407 16.25 0.59 3.63
N GLU A 408 15.89 0.30 4.88
CA GLU A 408 16.15 1.38 5.81
C GLU A 408 17.50 1.22 6.48
N GLU A 409 17.90 -0.02 6.83
CA GLU A 409 19.19 -0.21 7.46
C GLU A 409 20.34 0.21 6.55
N LEU A 410 20.27 -0.15 5.26
CA LEU A 410 21.37 0.18 4.36
C LEU A 410 21.40 1.67 4.01
N THR A 411 20.25 2.35 4.08
CA THR A 411 20.27 3.79 3.94
C THR A 411 20.63 4.50 5.25
N ARG A 412 20.32 3.87 6.38
CA ARG A 412 20.74 4.43 7.67
C ARG A 412 22.25 4.34 7.83
N ARG A 413 22.78 3.12 7.81
CA ARG A 413 24.16 2.90 8.22
C ARG A 413 25.15 3.28 7.12
N LEU A 414 24.86 2.95 5.86
CA LEU A 414 25.80 3.14 4.76
C LEU A 414 25.21 4.03 3.65
N PRO A 415 24.93 5.30 3.95
CA PRO A 415 24.50 6.21 2.88
C PRO A 415 25.62 6.56 1.91
N HIS A 416 26.88 6.43 2.35
CA HIS A 416 28.05 6.69 1.52
C HIS A 416 28.45 5.49 0.66
N MET A 417 27.52 4.55 0.48
CA MET A 417 27.75 3.38 -0.35
C MET A 417 27.43 3.69 -1.80
N GLU A 418 28.29 3.24 -2.72
CA GLU A 418 28.04 3.42 -4.14
C GLU A 418 28.37 2.14 -4.89
N LEU A 419 27.89 2.07 -6.12
CA LEU A 419 28.15 0.92 -6.97
C LEU A 419 29.57 0.96 -7.50
N VAL A 420 30.22 -0.19 -7.52
CA VAL A 420 31.50 -0.35 -8.21
C VAL A 420 31.28 0.02 -9.67
N PRO A 421 31.95 1.04 -10.18
CA PRO A 421 31.69 1.49 -11.56
C PRO A 421 32.17 0.46 -12.57
N ASP A 422 31.78 0.71 -13.83
CA ASP A 422 32.09 -0.19 -14.95
C ASP A 422 31.72 -1.64 -14.61
N GLN A 423 30.56 -1.82 -13.99
CA GLN A 423 30.10 -3.13 -13.55
C GLN A 423 29.03 -3.63 -14.50
N GLU A 424 29.19 -4.86 -14.97
CA GLU A 424 28.22 -5.50 -15.84
C GLU A 424 27.33 -6.42 -15.01
N PHE A 425 26.03 -6.32 -15.19
CA PHE A 425 25.06 -7.09 -14.42
C PHE A 425 24.49 -8.19 -15.30
N THR A 426 24.67 -9.44 -14.85
CA THR A 426 24.22 -10.62 -15.57
C THR A 426 22.97 -11.17 -14.88
N TYR A 427 21.95 -11.49 -15.68
CA TYR A 427 20.69 -12.02 -15.18
C TYR A 427 20.38 -13.34 -15.87
N LEU A 428 19.96 -14.32 -15.08
CA LEU A 428 19.82 -15.69 -15.57
C LEU A 428 18.79 -15.76 -16.69
N PRO A 429 19.07 -16.47 -17.79
CA PRO A 429 18.12 -16.54 -18.89
C PRO A 429 16.89 -17.38 -18.55
N ASN A 430 15.74 -16.71 -18.44
CA ASN A 430 14.47 -17.37 -18.14
C ASN A 430 13.35 -16.40 -18.51
N THR A 431 12.12 -16.91 -18.49
CA THR A 431 10.99 -16.13 -18.93
C THR A 431 10.43 -15.21 -17.84
N SER A 432 10.62 -15.54 -16.56
CA SER A 432 9.77 -14.93 -15.55
C SER A 432 10.50 -14.23 -14.41
N PHE A 433 11.65 -14.73 -13.97
CA PHE A 433 12.32 -14.17 -12.80
C PHE A 433 13.51 -13.33 -13.22
N ARG A 434 13.72 -12.23 -12.49
CA ARG A 434 14.73 -11.24 -12.85
C ARG A 434 15.37 -10.68 -11.58
N GLY A 435 16.66 -10.93 -11.43
CA GLY A 435 17.45 -10.38 -10.36
C GLY A 435 18.92 -10.61 -10.62
N PRO A 436 19.76 -9.63 -10.34
CA PRO A 436 21.18 -9.76 -10.68
C PRO A 436 21.87 -10.87 -9.88
N ASP A 437 22.81 -11.53 -10.56
CA ASP A 437 23.66 -12.49 -9.86
C ASP A 437 24.41 -11.81 -8.73
N HIS A 438 24.83 -10.57 -8.94
CA HIS A 438 25.60 -9.83 -7.95
C HIS A 438 25.32 -8.35 -8.09
N VAL A 439 25.40 -7.65 -6.97
CA VAL A 439 25.52 -6.20 -6.96
C VAL A 439 26.71 -5.86 -6.06
N TRP A 440 27.72 -5.21 -6.64
CA TRP A 440 28.98 -4.94 -5.97
C TRP A 440 29.01 -3.48 -5.53
N VAL A 441 29.20 -3.25 -4.24
CA VAL A 441 29.08 -1.92 -3.67
C VAL A 441 30.33 -1.61 -2.85
N ARG A 442 30.81 -0.38 -3.00
CA ARG A 442 31.90 0.15 -2.19
C ARG A 442 31.36 1.20 -1.23
N TRP A 443 32.10 1.45 -0.16
CA TRP A 443 31.85 2.57 0.74
C TRP A 443 33.10 2.83 1.55
N ASP A 444 33.12 3.98 2.22
CA ASP A 444 34.24 4.36 3.07
C ASP A 444 33.99 3.85 4.48
N PRO A 445 34.72 2.84 4.96
CA PRO A 445 34.39 2.25 6.26
C PRO A 445 34.57 3.20 7.43
N ALA A 446 35.66 3.96 7.48
CA ALA A 446 35.88 4.86 8.61
C ALA A 446 34.74 5.87 8.74
N ARG A 447 34.12 6.22 7.62
CA ARG A 447 33.15 7.30 7.52
C ARG A 447 31.72 6.87 7.85
N ASN A 448 31.50 5.62 8.26
CA ASN A 448 30.16 5.22 8.68
C ASN A 448 29.65 6.20 9.73
N PRO A 449 28.47 6.79 9.54
CA PRO A 449 27.87 7.56 10.64
C PRO A 449 27.68 6.72 11.89
N GLU A 450 27.75 5.40 11.75
CA GLU A 450 27.42 4.48 12.83
C GLU A 450 28.45 4.52 13.95
N ARG A 451 29.75 4.57 13.61
CA ARG A 451 30.79 4.46 14.62
C ARG A 451 30.92 5.70 15.48
N ALA A 452 30.40 6.84 15.04
CA ALA A 452 30.39 8.04 15.84
C ALA A 452 29.07 8.27 16.56
N ASP A 453 28.04 7.49 16.25
CA ASP A 453 26.74 7.79 16.83
C ASP A 453 26.61 7.29 18.28
N PRO A 454 26.48 5.97 18.58
CA PRO A 454 25.99 4.74 17.93
C PRO A 454 24.48 4.71 18.16
N GLU A 455 23.88 5.87 17.93
CA GLU A 455 22.48 6.19 18.23
C GLU A 455 21.51 5.85 17.09
N LEU A 456 21.99 5.71 15.84
CA LEU A 456 21.09 5.55 14.70
C LEU A 456 20.41 4.19 14.64
N LEU A 457 20.98 3.20 15.33
CA LEU A 457 20.47 1.83 15.24
C LEU A 457 19.26 1.61 16.14
N SER A 458 19.30 2.14 17.35
CA SER A 458 18.11 2.16 18.19
C SER A 458 16.95 2.85 17.48
N ARG A 459 17.24 3.74 16.54
CA ARG A 459 16.20 4.25 15.64
C ARG A 459 15.63 3.11 14.82
N ARG A 460 14.31 2.93 14.90
CA ARG A 460 13.63 1.96 14.06
C ARG A 460 12.39 2.62 13.52
N GLN A 461 12.22 2.59 12.19
CA GLN A 461 10.99 3.17 11.65
C GLN A 461 9.94 2.09 11.50
N PRO A 462 8.73 2.32 12.01
CA PRO A 462 7.67 1.34 11.83
C PRO A 462 7.38 1.09 10.35
N VAL A 463 7.24 -0.19 10.01
CA VAL A 463 6.85 -0.57 8.66
C VAL A 463 5.49 0.05 8.32
N LYS A 464 5.32 0.41 7.05
CA LYS A 464 4.00 0.78 6.53
C LYS A 464 3.74 -0.04 5.27
N ILE A 465 2.84 -1.01 5.39
CA ILE A 465 2.50 -1.92 4.29
C ILE A 465 0.99 -2.05 4.20
N GLY A 466 0.52 -2.41 3.01
CA GLY A 466 -0.89 -2.62 2.78
C GLY A 466 -1.68 -1.39 2.44
N GLU A 467 -1.02 -0.24 2.29
CA GLU A 467 -1.74 0.99 1.98
C GLU A 467 -1.42 1.43 0.55
N PRO A 468 -2.43 1.87 -0.22
CA PRO A 468 -2.16 2.35 -1.58
C PRO A 468 -1.21 3.54 -1.57
N SER A 469 -0.53 3.74 -2.70
CA SER A 469 0.47 4.80 -2.76
C SER A 469 -0.16 6.19 -2.68
N LYS A 470 -1.43 6.32 -3.11
CA LYS A 470 -2.11 7.61 -3.04
C LYS A 470 -2.27 8.07 -1.60
N ASN A 471 -2.52 7.13 -0.70
CA ASN A 471 -2.77 7.46 0.69
C ASN A 471 -1.50 7.61 1.52
N THR A 472 -0.33 7.32 0.96
CA THR A 472 0.91 7.40 1.71
C THR A 472 1.86 8.48 1.20
N ILE A 473 1.49 9.22 0.15
CA ILE A 473 2.32 10.34 -0.29
C ILE A 473 2.24 11.45 0.74
N ALA A 474 3.37 12.07 1.05
CA ALA A 474 3.32 13.13 2.04
C ALA A 474 4.57 13.98 1.93
N ARG A 475 4.42 15.22 2.36
CA ARG A 475 5.53 16.15 2.47
C ARG A 475 6.01 16.13 3.92
N THR A 476 7.30 16.00 4.12
CA THR A 476 7.88 16.06 5.47
C THR A 476 8.33 17.50 5.70
N MET A 477 7.50 18.27 6.38
CA MET A 477 7.83 19.65 6.68
C MET A 477 8.58 19.77 8.00
N ALA A 478 9.12 20.96 8.23
CA ALA A 478 9.87 21.25 9.44
C ALA A 478 9.13 22.29 10.25
N VAL A 479 9.24 22.17 11.57
CA VAL A 479 8.60 23.12 12.49
C VAL A 479 9.59 24.26 12.74
N SER A 480 9.24 25.45 12.25
CA SER A 480 10.10 26.62 12.42
C SER A 480 9.78 27.43 13.67
N GLY A 481 8.62 27.23 14.27
CA GLY A 481 8.28 27.99 15.46
C GLY A 481 7.07 27.47 16.23
N LEU A 482 7.15 27.54 17.56
CA LEU A 482 6.05 27.19 18.46
C LEU A 482 5.70 28.44 19.26
N GLU A 483 4.43 28.85 19.18
CA GLU A 483 3.96 30.04 19.88
C GLU A 483 2.73 29.69 20.72
N SER A 484 2.71 30.13 21.97
CA SER A 484 1.57 29.97 22.85
C SER A 484 0.65 31.17 22.68
N ILE A 485 -0.55 30.93 22.15
CA ILE A 485 -1.53 31.99 21.90
C ILE A 485 -2.77 31.83 22.77
N ALA A 486 -2.81 30.82 23.64
CA ALA A 486 -3.85 30.61 24.63
C ALA A 486 -3.34 29.53 25.57
N ASP A 487 -4.04 29.34 26.67
CA ASP A 487 -3.65 28.28 27.60
C ASP A 487 -3.94 26.93 26.98
N ASP A 488 -2.93 26.05 26.98
CA ASP A 488 -3.02 24.71 26.41
C ASP A 488 -3.22 24.72 24.89
N ILE A 489 -2.78 25.78 24.22
CA ILE A 489 -2.91 25.89 22.76
C ILE A 489 -1.59 26.38 22.19
N LEU A 490 -0.97 25.58 21.31
CA LEU A 490 0.19 25.99 20.54
C LEU A 490 -0.22 26.52 19.18
N LEU A 491 0.57 27.43 18.64
CA LEU A 491 0.53 27.78 17.23
C LEU A 491 1.81 27.25 16.59
N ILE A 492 1.67 26.28 15.69
CA ILE A 492 2.80 25.66 15.04
C ILE A 492 2.97 26.26 13.65
N THR A 493 4.21 26.65 13.33
CA THR A 493 4.57 27.13 12.01
C THR A 493 5.35 26.02 11.29
N LEU A 494 4.79 25.52 10.19
CA LEU A 494 5.35 24.36 9.50
C LEU A 494 5.93 24.81 8.16
N ARG A 495 7.22 24.52 7.96
CA ARG A 495 8.00 24.93 6.81
C ARG A 495 8.27 23.75 5.89
N ASP A 496 8.15 23.94 4.58
CA ASP A 496 8.52 22.91 3.61
C ASP A 496 10.02 23.00 3.36
N THR A 497 10.71 21.89 3.62
CA THR A 497 12.16 21.81 3.45
C THR A 497 12.58 21.70 2.00
N SER A 498 11.71 21.12 1.15
CA SER A 498 12.03 21.03 -0.28
C SER A 498 12.32 22.40 -0.86
N GLY A 499 11.65 23.43 -0.35
CA GLY A 499 11.71 24.76 -0.90
C GLY A 499 10.67 25.04 -1.96
N ARG A 500 10.02 24.01 -2.50
CA ARG A 500 9.12 24.17 -3.63
C ARG A 500 7.69 24.39 -3.13
N PRO A 501 6.98 25.37 -3.70
CA PRO A 501 5.80 25.93 -3.04
C PRO A 501 4.71 24.91 -2.74
N LEU A 502 3.98 25.19 -1.67
CA LEU A 502 2.91 24.40 -1.09
C LEU A 502 1.60 24.65 -1.85
N PRO A 503 0.68 23.68 -1.86
CA PRO A 503 -0.58 23.86 -2.58
C PRO A 503 -1.37 25.07 -2.10
N LYS A 504 -2.22 25.56 -2.99
CA LYS A 504 -3.24 26.51 -2.60
C LYS A 504 -4.31 25.80 -1.79
N TRP A 505 -4.84 26.48 -0.79
CA TRP A 505 -5.90 25.90 0.05
C TRP A 505 -6.94 26.96 0.36
N SER A 506 -8.21 26.56 0.31
CA SER A 506 -9.30 27.45 0.65
C SER A 506 -9.62 27.32 2.14
N ALA A 507 -10.52 28.16 2.62
CA ALA A 507 -10.83 28.19 4.04
C ALA A 507 -11.56 26.91 4.46
N GLY A 508 -11.31 26.51 5.71
CA GLY A 508 -11.85 25.28 6.25
C GLY A 508 -10.97 24.07 6.02
N SER A 509 -9.95 24.18 5.17
CA SER A 509 -9.08 23.05 4.89
C SER A 509 -8.27 22.68 6.12
N HIS A 510 -7.89 21.40 6.19
CA HIS A 510 -7.12 20.84 7.28
C HIS A 510 -5.94 20.08 6.70
N ILE A 511 -5.10 19.53 7.57
CA ILE A 511 -4.06 18.61 7.15
C ILE A 511 -3.97 17.45 8.12
N ASP A 512 -3.44 16.33 7.64
CA ASP A 512 -3.20 15.15 8.45
C ASP A 512 -1.71 15.09 8.79
N VAL A 513 -1.40 15.32 10.06
CA VAL A 513 -0.03 15.40 10.55
C VAL A 513 0.20 14.24 11.51
N ASP A 514 1.31 13.51 11.31
CA ASP A 514 1.61 12.37 12.16
C ASP A 514 2.09 12.82 13.52
N CYS A 515 1.24 12.71 14.54
CA CYS A 515 1.62 13.12 15.90
C CYS A 515 2.20 11.91 16.62
N GLY A 516 3.47 11.65 16.34
CA GLY A 516 4.09 10.45 16.87
C GLY A 516 3.58 9.23 16.13
N ALA A 517 3.09 8.24 16.87
CA ALA A 517 2.60 7.00 16.28
C ALA A 517 1.18 7.13 15.74
N VAL A 518 0.54 8.29 15.84
CA VAL A 518 -0.81 8.49 15.32
C VAL A 518 -0.82 9.70 14.40
N SER A 519 -1.88 9.80 13.61
CA SER A 519 -2.14 10.95 12.77
C SER A 519 -3.41 11.64 13.23
N ARG A 520 -3.37 12.97 13.29
CA ARG A 520 -4.54 13.79 13.58
C ARG A 520 -4.61 14.90 12.54
N GLN A 521 -5.80 15.48 12.41
CA GLN A 521 -5.99 16.60 11.50
C GLN A 521 -6.27 17.88 12.28
N TYR A 522 -5.72 18.99 11.80
CA TYR A 522 -5.89 20.29 12.43
C TYR A 522 -6.09 21.34 11.34
N SER A 523 -7.15 22.14 11.47
CA SER A 523 -7.43 23.20 10.49
C SER A 523 -6.23 24.14 10.35
N LEU A 524 -6.24 24.90 9.25
CA LEU A 524 -5.16 25.83 8.93
C LEU A 524 -5.64 27.26 9.14
N CYS A 525 -5.02 27.92 10.10
CA CYS A 525 -5.36 29.28 10.51
C CYS A 525 -4.31 30.30 10.10
N GLY A 526 -3.37 29.90 9.25
CA GLY A 526 -2.34 30.79 8.78
C GLY A 526 -2.83 31.65 7.64
N ASP A 527 -1.87 32.25 6.94
CA ASP A 527 -2.19 33.12 5.82
C ASP A 527 -2.14 32.33 4.53
N PRO A 528 -3.22 32.29 3.73
CA PRO A 528 -3.17 31.53 2.48
C PRO A 528 -2.19 32.10 1.47
N HIS A 529 -2.08 33.42 1.38
CA HIS A 529 -1.18 34.05 0.43
C HIS A 529 0.28 33.76 0.73
N ASP A 530 0.59 33.36 1.96
CA ASP A 530 1.90 32.85 2.30
C ASP A 530 1.94 31.38 1.95
N ARG A 531 2.65 31.05 0.87
CA ARG A 531 2.70 29.68 0.37
C ARG A 531 4.09 29.10 0.48
N THR A 532 4.82 29.49 1.52
CA THR A 532 5.94 28.72 2.03
C THR A 532 5.63 28.03 3.35
N THR A 533 4.40 28.22 3.88
CA THR A 533 4.05 27.67 5.19
C THR A 533 2.59 27.29 5.37
N PHE A 534 2.39 26.44 6.38
CA PHE A 534 1.11 26.15 6.99
C PHE A 534 1.19 26.50 8.48
N GLN A 535 0.06 26.94 9.03
CA GLN A 535 -0.04 27.23 10.46
C GLN A 535 -1.23 26.50 11.04
N VAL A 536 -1.01 25.78 12.14
CA VAL A 536 -2.05 25.10 12.88
C VAL A 536 -1.94 25.48 14.34
N ALA A 537 -3.07 25.41 15.05
CA ALA A 537 -3.13 25.83 16.45
C ALA A 537 -3.70 24.68 17.28
N VAL A 538 -2.84 23.77 17.74
CA VAL A 538 -3.30 22.57 18.41
C VAL A 538 -3.63 22.86 19.88
N LEU A 539 -4.73 22.29 20.36
CA LEU A 539 -5.13 22.39 21.76
C LEU A 539 -4.72 21.12 22.51
N HIS A 540 -4.23 21.30 23.73
CA HIS A 540 -3.97 20.18 24.63
C HIS A 540 -5.30 19.66 25.13
N ASP A 541 -5.81 18.62 24.50
CA ASP A 541 -7.01 17.98 25.00
C ASP A 541 -6.73 17.43 26.40
N ARG A 542 -7.49 17.91 27.39
CA ARG A 542 -7.28 17.45 28.75
C ARG A 542 -7.43 15.93 28.86
N GLU A 543 -8.35 15.37 28.09
CA GLU A 543 -8.51 13.93 27.94
C GLU A 543 -7.99 13.59 26.55
N SER A 544 -6.73 13.16 26.47
CA SER A 544 -6.01 13.03 25.21
C SER A 544 -5.61 11.58 25.00
N ARG A 545 -6.07 10.98 23.90
CA ARG A 545 -5.68 9.62 23.53
C ARG A 545 -4.22 9.54 23.06
N GLY A 546 -3.50 10.66 23.02
CA GLY A 546 -2.07 10.61 22.76
C GLY A 546 -1.55 11.59 21.74
N GLY A 547 -2.40 11.96 20.77
CA GLY A 547 -1.95 12.84 19.70
C GLY A 547 -1.71 14.26 20.18
N SER A 548 -2.68 14.81 20.92
CA SER A 548 -2.51 16.19 21.39
C SER A 548 -1.42 16.29 22.44
N ARG A 549 -1.28 15.28 23.30
CA ARG A 549 -0.19 15.29 24.27
C ARG A 549 1.16 15.35 23.58
N TRP A 550 1.37 14.47 22.60
CA TRP A 550 2.67 14.39 21.95
C TRP A 550 3.13 15.74 21.41
N ILE A 551 2.22 16.49 20.79
CA ILE A 551 2.61 17.78 20.22
C ILE A 551 3.06 18.74 21.32
N HIS A 552 2.36 18.75 22.45
CA HIS A 552 2.71 19.65 23.54
C HIS A 552 3.93 19.15 24.32
N THR A 553 4.10 17.84 24.42
CA THR A 553 5.10 17.28 25.34
C THR A 553 6.45 17.03 24.71
N GLU A 554 6.52 16.67 23.42
CA GLU A 554 7.79 16.17 22.89
C GLU A 554 8.12 16.71 21.49
N LEU A 555 7.45 17.76 21.03
CA LEU A 555 7.82 18.45 19.81
C LEU A 555 8.62 19.70 20.15
N ALA A 556 9.76 19.87 19.50
CA ALA A 556 10.55 21.09 19.61
C ALA A 556 10.78 21.67 18.22
N VAL A 557 11.32 22.89 18.19
CA VAL A 557 11.77 23.53 16.96
C VAL A 557 12.78 22.61 16.29
N GLY A 558 12.80 22.58 14.96
CA GLY A 558 13.78 21.81 14.23
C GLY A 558 13.38 20.38 13.94
N ALA A 559 12.32 19.88 14.57
CA ALA A 559 11.81 18.57 14.22
C ALA A 559 11.16 18.60 12.84
N THR A 560 10.86 17.42 12.32
CA THR A 560 10.15 17.33 11.05
C THR A 560 9.01 16.32 11.17
N LEU A 561 7.86 16.70 10.64
CA LEU A 561 6.64 15.93 10.76
C LEU A 561 6.19 15.61 9.34
N ARG A 562 5.71 14.37 9.15
CA ARG A 562 5.05 13.99 7.92
C ARG A 562 3.63 14.53 7.93
N VAL A 563 3.24 15.19 6.84
CA VAL A 563 2.01 15.97 6.80
C VAL A 563 1.43 15.82 5.42
N ARG A 564 0.20 15.33 5.34
CA ARG A 564 -0.40 14.88 4.09
C ARG A 564 -1.42 15.91 3.61
N GLY A 565 -1.28 16.33 2.36
CA GLY A 565 -1.78 17.58 1.84
C GLY A 565 -3.20 17.97 2.20
N PRO A 566 -3.50 19.25 2.06
CA PRO A 566 -4.81 19.77 2.45
C PRO A 566 -5.97 19.07 1.75
N ARG A 567 -6.91 18.58 2.54
CA ARG A 567 -8.28 18.33 2.09
C ARG A 567 -9.22 19.25 2.85
N ASN A 568 -10.48 19.27 2.41
CA ASN A 568 -11.45 20.19 2.99
C ASN A 568 -12.83 19.57 2.89
N HIS A 569 -13.45 19.31 4.04
CA HIS A 569 -14.85 18.94 4.13
C HIS A 569 -15.71 20.10 4.63
N PHE A 570 -15.12 21.28 4.82
CA PHE A 570 -15.78 22.42 5.43
C PHE A 570 -15.79 23.61 4.48
N LYS A 571 -15.93 23.32 3.19
CA LYS A 571 -15.92 24.34 2.16
C LYS A 571 -17.17 25.23 2.28
N LEU A 572 -17.02 26.50 1.91
CA LEU A 572 -18.13 27.44 1.94
C LEU A 572 -18.62 27.74 0.53
N ASP A 573 -19.93 27.78 0.37
CA ASP A 573 -20.53 28.27 -0.86
C ASP A 573 -20.32 29.78 -0.92
N PRO A 574 -19.58 30.30 -1.90
CA PRO A 574 -19.27 31.73 -1.91
C PRO A 574 -20.38 32.62 -2.47
N ASP A 575 -21.46 32.06 -3.00
CA ASP A 575 -22.54 32.87 -3.56
C ASP A 575 -23.64 33.18 -2.55
N ALA A 576 -23.45 32.83 -1.28
CA ALA A 576 -24.49 33.09 -0.30
C ALA A 576 -24.56 34.58 0.03
N LYS A 577 -25.73 34.99 0.52
CA LYS A 577 -25.97 36.40 0.84
C LYS A 577 -25.08 36.88 1.97
N ARG A 578 -25.09 36.16 3.08
CA ARG A 578 -24.40 36.57 4.30
C ARG A 578 -23.91 35.31 4.99
N TYR A 579 -22.89 35.48 5.81
CA TYR A 579 -22.35 34.39 6.60
C TYR A 579 -22.37 34.84 8.05
N VAL A 580 -22.98 34.06 8.91
CA VAL A 580 -22.81 34.27 10.33
C VAL A 580 -22.09 33.04 10.85
N PHE A 581 -21.00 33.25 11.56
CA PHE A 581 -20.13 32.17 12.02
C PHE A 581 -20.31 32.07 13.53
N VAL A 582 -20.53 30.87 14.04
CA VAL A 582 -20.53 30.64 15.47
C VAL A 582 -19.40 29.67 15.76
N ALA A 583 -18.66 29.91 16.83
CA ALA A 583 -17.38 29.25 17.08
C ALA A 583 -17.21 29.01 18.57
N GLY A 584 -16.80 27.80 18.92
CA GLY A 584 -16.60 27.45 20.31
C GLY A 584 -15.25 26.80 20.57
N GLY A 585 -14.50 27.36 21.50
CA GLY A 585 -13.19 26.77 21.81
C GLY A 585 -12.25 26.86 20.63
N ILE A 586 -11.58 25.74 20.34
CA ILE A 586 -10.58 25.70 19.27
C ILE A 586 -11.23 25.62 17.89
N GLY A 587 -12.54 25.46 17.82
CA GLY A 587 -13.25 25.56 16.56
C GLY A 587 -13.05 26.90 15.86
N ILE A 588 -12.31 27.80 16.51
CA ILE A 588 -11.98 29.09 15.93
C ILE A 588 -11.06 28.95 14.73
N THR A 589 -10.28 27.87 14.66
CA THR A 589 -9.25 27.77 13.63
C THR A 589 -9.81 27.73 12.21
N PRO A 590 -10.76 26.86 11.85
CA PRO A 590 -11.24 26.89 10.46
C PRO A 590 -12.11 28.09 10.15
N VAL A 591 -12.90 28.56 11.11
CA VAL A 591 -13.83 29.66 10.82
C VAL A 591 -13.08 30.96 10.56
N ILE A 592 -11.99 31.20 11.30
CA ILE A 592 -11.29 32.47 11.16
C ILE A 592 -10.69 32.60 9.77
N ALA A 593 -10.29 31.49 9.15
CA ALA A 593 -9.86 31.53 7.75
C ALA A 593 -11.04 31.79 6.83
N MET A 594 -12.24 31.28 7.19
CA MET A 594 -13.43 31.60 6.42
C MET A 594 -13.84 33.05 6.61
N ALA A 595 -13.65 33.60 7.81
CA ALA A 595 -13.88 35.02 8.02
C ALA A 595 -12.96 35.85 7.14
N ASP A 596 -11.72 35.39 6.92
CA ASP A 596 -10.77 36.16 6.13
C ASP A 596 -11.14 36.13 4.64
N GLN A 597 -11.54 34.98 4.11
CA GLN A 597 -12.01 34.92 2.72
C GLN A 597 -13.10 35.95 2.48
N VAL A 598 -14.05 36.06 3.41
CA VAL A 598 -15.21 36.91 3.19
C VAL A 598 -14.85 38.38 3.31
N LYS A 599 -13.87 38.73 4.15
CA LYS A 599 -13.43 40.12 4.19
C LYS A 599 -12.74 40.51 2.89
N ALA A 600 -12.08 39.54 2.27
CA ALA A 600 -11.43 39.73 1.00
C ALA A 600 -12.44 39.91 -0.09
N ALA A 601 -13.49 39.12 -0.02
CA ALA A 601 -14.49 39.23 -1.05
C ALA A 601 -15.06 40.58 -0.98
N GLY A 602 -15.42 40.96 0.24
CA GLY A 602 -16.11 42.16 0.54
C GLY A 602 -17.49 41.64 0.59
N GLY A 603 -17.89 41.07 1.73
CA GLY A 603 -19.22 40.54 1.92
C GLY A 603 -19.62 40.60 3.37
N ASP A 604 -20.91 40.78 3.66
CA ASP A 604 -21.35 40.91 5.04
C ASP A 604 -21.24 39.63 5.81
N TYR A 605 -20.64 39.68 6.96
CA TYR A 605 -20.50 38.48 7.78
C TYR A 605 -20.57 38.86 9.25
N GLU A 606 -20.95 37.89 10.08
CA GLU A 606 -21.09 38.09 11.52
C GLU A 606 -20.52 36.88 12.23
N ILE A 607 -19.56 37.08 13.13
CA ILE A 607 -18.86 35.97 13.76
C ILE A 607 -19.06 36.03 15.27
N HIS A 608 -19.43 34.89 15.85
CA HIS A 608 -19.78 34.78 17.26
C HIS A 608 -18.89 33.69 17.85
N TYR A 609 -18.08 34.05 18.85
CA TYR A 609 -17.00 33.20 19.33
C TYR A 609 -17.12 33.03 20.85
N ALA A 610 -17.41 31.81 21.29
CA ALA A 610 -17.54 31.48 22.69
C ALA A 610 -16.45 30.51 23.12
N GLY A 611 -16.21 30.47 24.43
CA GLY A 611 -15.21 29.59 24.99
C GLY A 611 -15.26 29.64 26.50
N ARG A 612 -14.61 28.64 27.12
CA ARG A 612 -14.67 28.53 28.58
C ARG A 612 -14.05 29.76 29.25
N SER A 613 -13.01 30.34 28.65
CA SER A 613 -12.30 31.44 29.28
C SER A 613 -11.72 32.34 28.21
N ARG A 614 -11.67 33.64 28.50
CA ARG A 614 -11.06 34.57 27.56
C ARG A 614 -9.55 34.38 27.48
N THR A 615 -8.93 33.91 28.57
CA THR A 615 -7.51 33.60 28.55
C THR A 615 -7.22 32.43 27.62
N SER A 616 -8.12 31.46 27.56
CA SER A 616 -7.95 30.25 26.76
C SER A 616 -8.66 30.33 25.42
N MET A 617 -8.99 31.52 24.96
CA MET A 617 -9.64 31.73 23.67
C MET A 617 -8.62 32.34 22.72
N ALA A 618 -8.15 31.53 21.78
CA ALA A 618 -7.11 31.96 20.86
C ALA A 618 -7.68 32.87 19.78
N PHE A 619 -6.82 33.76 19.28
CA PHE A 619 -7.05 34.66 18.14
C PHE A 619 -7.95 35.84 18.46
N LEU A 620 -8.33 36.06 19.71
CA LEU A 620 -9.04 37.29 20.04
C LEU A 620 -8.22 38.51 19.66
N ASP A 621 -6.91 38.46 19.92
CA ASP A 621 -5.97 39.43 19.39
C ASP A 621 -6.12 39.56 17.87
N ARG A 622 -5.99 38.44 17.18
CA ARG A 622 -6.21 38.41 15.73
C ARG A 622 -7.62 38.88 15.38
N LEU A 623 -8.61 38.44 16.16
CA LEU A 623 -10.01 38.81 15.94
C LEU A 623 -10.30 40.26 16.29
N ALA A 624 -9.42 40.91 17.05
CA ALA A 624 -9.58 42.32 17.39
C ALA A 624 -9.00 43.24 16.31
N ARG A 625 -7.81 42.91 15.82
CA ARG A 625 -7.16 43.72 14.80
C ARG A 625 -7.92 43.67 13.49
N ASP A 626 -8.55 42.55 13.18
CA ASP A 626 -9.37 42.38 11.99
C ASP A 626 -10.68 41.73 12.40
N HIS A 627 -11.76 42.09 11.68
CA HIS A 627 -13.12 41.65 12.01
C HIS A 627 -13.58 42.17 13.37
N GLY A 628 -12.86 43.13 13.95
CA GLY A 628 -13.22 43.61 15.28
C GLY A 628 -14.55 44.36 15.28
N GLU A 629 -14.79 45.16 14.24
CA GLU A 629 -16.11 45.74 14.04
C GLU A 629 -17.20 44.67 13.96
N SER A 630 -16.83 43.44 13.58
CA SER A 630 -17.77 42.39 13.28
C SER A 630 -17.81 41.23 14.27
N VAL A 631 -16.88 41.16 15.22
CA VAL A 631 -16.83 40.05 16.17
C VAL A 631 -17.60 40.41 17.43
N ARG A 632 -18.25 39.41 18.01
CA ARG A 632 -18.66 39.52 19.40
C ARG A 632 -18.19 38.25 20.11
N VAL A 633 -17.62 38.48 21.27
CA VAL A 633 -16.99 37.53 22.18
C VAL A 633 -17.97 37.20 23.28
N TYR A 634 -17.93 35.97 23.78
CA TYR A 634 -18.80 35.53 24.88
C TYR A 634 -18.05 34.55 25.76
N PRO A 635 -17.08 35.02 26.54
CA PRO A 635 -16.30 34.11 27.38
C PRO A 635 -17.16 33.60 28.52
N GLY A 636 -17.03 32.31 28.83
CA GLY A 636 -17.89 31.73 29.85
C GLY A 636 -17.53 32.17 31.25
N ASP A 637 -16.22 32.26 31.55
CA ASP A 637 -15.77 32.52 32.91
C ASP A 637 -16.35 33.83 33.45
N GLU A 638 -16.42 34.86 32.63
CA GLU A 638 -16.98 36.12 33.12
C GLU A 638 -18.47 35.99 33.37
N GLY A 639 -19.14 35.18 32.56
CA GLY A 639 -20.55 34.96 32.62
C GLY A 639 -21.16 35.90 31.61
N VAL A 640 -21.10 35.46 30.36
CA VAL A 640 -21.87 36.02 29.27
C VAL A 640 -21.92 34.88 28.27
N ARG A 641 -23.10 34.38 27.98
CA ARG A 641 -23.22 33.14 27.25
C ARG A 641 -23.98 33.37 25.96
N MET A 642 -23.62 32.56 24.98
CA MET A 642 -24.26 32.59 23.68
C MET A 642 -25.54 31.79 23.69
N ASP A 643 -26.65 32.49 23.68
CA ASP A 643 -27.94 31.85 23.58
C ASP A 643 -28.35 31.84 22.11
N LEU A 644 -28.13 30.70 21.47
CA LEU A 644 -28.53 30.53 20.07
C LEU A 644 -30.02 30.76 19.82
N PRO A 645 -30.96 30.37 20.72
CA PRO A 645 -32.37 30.62 20.43
C PRO A 645 -32.68 32.05 20.01
N SER A 646 -32.12 33.04 20.71
CA SER A 646 -32.33 34.43 20.35
C SER A 646 -31.77 34.73 18.96
N LEU A 647 -30.51 34.35 18.73
CA LEU A 647 -29.82 34.74 17.50
C LEU A 647 -30.55 34.27 16.25
N PHE A 648 -30.97 33.01 16.25
CA PHE A 648 -31.62 32.37 15.11
C PHE A 648 -33.13 32.27 15.32
N ALA A 649 -33.70 33.28 15.99
CA ALA A 649 -35.11 33.33 16.29
C ALA A 649 -35.95 33.13 15.04
N ASP A 650 -35.64 33.86 13.97
CA ASP A 650 -36.32 33.56 12.71
C ASP A 650 -35.44 33.93 11.53
N PRO A 651 -35.51 33.16 10.46
CA PRO A 651 -34.47 33.19 9.43
C PRO A 651 -34.63 34.34 8.46
N GLU A 652 -33.63 34.46 7.58
CA GLU A 652 -33.71 35.24 6.34
C GLU A 652 -33.23 34.35 5.20
N ASP A 653 -33.93 34.43 4.06
CA ASP A 653 -33.67 33.72 2.82
C ASP A 653 -32.20 33.51 2.45
N GLY A 654 -31.40 34.57 2.53
CA GLY A 654 -30.03 34.49 2.04
C GLY A 654 -29.00 33.98 3.03
N THR A 655 -29.23 34.19 4.32
CA THR A 655 -28.20 33.90 5.33
C THR A 655 -27.81 32.42 5.34
N GLN A 656 -26.51 32.18 5.39
CA GLN A 656 -25.91 30.89 5.69
C GLN A 656 -25.16 30.97 7.01
N VAL A 657 -24.94 29.80 7.61
CA VAL A 657 -24.22 29.68 8.89
C VAL A 657 -23.25 28.50 8.81
N TYR A 658 -21.95 28.79 8.90
CA TYR A 658 -20.97 27.74 9.15
C TYR A 658 -20.49 27.82 10.59
N SER A 659 -20.18 26.65 11.16
CA SER A 659 -19.92 26.60 12.58
C SER A 659 -19.07 25.40 12.94
N CYS A 660 -18.35 25.53 14.06
CA CYS A 660 -17.35 24.53 14.42
C CYS A 660 -16.96 24.67 15.88
N GLY A 661 -16.97 23.55 16.61
CA GLY A 661 -16.60 23.54 18.00
C GLY A 661 -16.94 22.23 18.67
N PRO A 662 -17.15 22.25 19.99
CA PRO A 662 -17.56 21.04 20.70
C PRO A 662 -18.92 20.58 20.23
N GLU A 663 -19.15 19.26 20.32
CA GLU A 663 -20.39 18.69 19.82
C GLU A 663 -21.60 19.28 20.51
N ARG A 664 -21.47 19.69 21.78
CA ARG A 664 -22.63 20.14 22.53
C ARG A 664 -23.25 21.40 21.92
N LEU A 665 -22.41 22.31 21.44
CA LEU A 665 -22.93 23.51 20.78
C LEU A 665 -23.33 23.23 19.34
N LEU A 666 -22.56 22.44 18.63
CA LEU A 666 -22.97 21.98 17.32
C LEU A 666 -24.33 21.30 17.35
N SER A 667 -24.54 20.42 18.33
CA SER A 667 -25.84 19.78 18.49
C SER A 667 -26.91 20.81 18.82
N ALA A 668 -26.70 21.59 19.88
CA ALA A 668 -27.69 22.58 20.29
C ALA A 668 -27.95 23.60 19.19
N LEU A 669 -26.91 23.98 18.45
CA LEU A 669 -27.12 24.90 17.33
C LEU A 669 -28.03 24.26 16.29
N SER A 670 -27.71 23.03 15.87
CA SER A 670 -28.57 22.32 14.92
C SER A 670 -30.03 22.33 15.36
N GLU A 671 -30.29 22.34 16.66
CA GLU A 671 -31.66 22.48 17.14
C GLU A 671 -32.19 23.89 16.86
N ALA A 672 -31.39 24.90 17.18
CA ALA A 672 -31.86 26.29 17.03
C ALA A 672 -32.06 26.67 15.57
N THR A 673 -31.28 26.08 14.66
CA THR A 673 -31.40 26.41 13.24
C THR A 673 -32.33 25.46 12.50
N ALA A 674 -33.04 24.58 13.20
CA ALA A 674 -33.96 23.67 12.52
C ALA A 674 -35.05 24.42 11.77
N HIS A 675 -35.38 25.64 12.21
CA HIS A 675 -36.42 26.43 11.59
C HIS A 675 -36.08 26.86 10.17
N TRP A 676 -34.82 26.77 9.78
CA TRP A 676 -34.31 27.47 8.60
C TRP A 676 -34.42 26.58 7.37
N PRO A 677 -34.15 27.14 6.17
CA PRO A 677 -34.02 26.29 4.99
C PRO A 677 -32.97 25.21 5.16
N ASP A 678 -32.96 24.21 4.28
CA ASP A 678 -32.26 22.96 4.57
C ASP A 678 -30.74 23.10 4.48
N ASP A 679 -30.23 23.69 3.39
CA ASP A 679 -28.79 23.81 3.19
C ASP A 679 -28.19 25.02 3.87
N THR A 680 -28.84 25.51 4.93
CA THR A 680 -28.41 26.74 5.60
C THR A 680 -27.20 26.51 6.50
N LEU A 681 -27.20 25.44 7.29
CA LEU A 681 -26.18 25.24 8.31
C LEU A 681 -25.11 24.27 7.81
N HIS A 682 -23.85 24.62 8.04
CA HIS A 682 -22.74 23.72 7.77
C HIS A 682 -21.88 23.63 9.02
N VAL A 683 -21.44 22.42 9.33
CA VAL A 683 -20.68 22.15 10.55
C VAL A 683 -19.45 21.34 10.17
N GLU A 684 -18.40 21.49 10.98
CA GLU A 684 -17.24 20.62 10.93
C GLU A 684 -17.01 20.05 12.32
N HIS A 685 -17.00 18.73 12.42
CA HIS A 685 -16.78 18.06 13.70
C HIS A 685 -15.29 17.81 13.90
N PHE A 686 -14.83 18.04 15.13
CA PHE A 686 -13.49 17.68 15.54
C PHE A 686 -13.45 16.38 16.33
N SER A 687 -14.61 15.82 16.63
CA SER A 687 -14.76 14.55 17.33
C SER A 687 -15.80 13.73 16.58
N SER A 688 -15.83 12.46 16.91
CA SER A 688 -16.73 11.57 16.29
C SER A 688 -17.70 10.94 17.25
N THR A 689 -18.90 10.79 16.77
CA THR A 689 -19.96 10.21 17.53
C THR A 689 -19.95 8.72 17.80
N LEU A 690 -19.80 7.98 16.73
CA LEU A 690 -19.88 6.57 16.68
C LEU A 690 -18.69 6.14 17.35
N GLU A 691 -18.61 4.89 17.81
CA GLU A 691 -19.67 3.91 17.65
C GLU A 691 -19.77 2.67 18.53
N GLU A 692 -20.85 2.01 18.30
CA GLU A 692 -21.20 0.85 18.96
C GLU A 692 -21.31 0.09 17.71
N LEU A 693 -20.93 -1.18 17.69
CA LEU A 693 -21.10 -1.89 16.47
C LEU A 693 -22.45 -2.53 16.60
N ASP A 694 -22.55 -3.54 17.46
CA ASP A 694 -23.78 -4.28 17.69
C ASP A 694 -24.35 -4.88 16.39
N PRO A 695 -23.77 -5.98 15.93
CA PRO A 695 -24.33 -6.67 14.76
C PRO A 695 -25.84 -6.90 14.83
N SER A 696 -26.40 -7.07 16.03
CA SER A 696 -27.80 -7.45 16.16
C SER A 696 -28.72 -6.52 15.37
N LYS A 697 -28.34 -5.26 15.34
CA LYS A 697 -29.03 -4.23 14.60
C LYS A 697 -28.51 -4.12 13.21
N GLU A 698 -27.49 -4.88 12.83
CA GLU A 698 -26.88 -4.73 11.52
C GLU A 698 -26.87 -6.00 10.76
N HIS A 699 -27.04 -5.94 9.45
CA HIS A 699 -27.06 -7.14 8.63
C HIS A 699 -25.87 -7.36 7.70
N GLY A 700 -25.41 -8.59 7.57
CA GLY A 700 -24.29 -8.83 6.69
C GLY A 700 -24.70 -8.76 5.23
N PHE A 701 -23.69 -8.72 4.37
CA PHE A 701 -23.93 -8.64 2.94
C PHE A 701 -22.65 -9.04 2.21
N ASP A 702 -22.76 -9.11 0.89
CA ASP A 702 -21.61 -9.38 0.03
C ASP A 702 -21.17 -8.09 -0.65
N VAL A 703 -19.86 -7.89 -0.74
CA VAL A 703 -19.29 -6.80 -1.53
C VAL A 703 -18.37 -7.42 -2.58
N VAL A 704 -18.59 -7.09 -3.85
CA VAL A 704 -17.82 -7.63 -4.96
C VAL A 704 -16.89 -6.54 -5.49
N LEU A 705 -15.67 -6.94 -5.81
CA LEU A 705 -14.66 -6.03 -6.28
C LEU A 705 -14.50 -6.24 -7.78
N LYS A 706 -15.03 -5.32 -8.57
CA LYS A 706 -15.12 -5.54 -10.01
C LYS A 706 -13.73 -5.57 -10.65
N ASP A 707 -12.88 -4.59 -10.31
CA ASP A 707 -11.55 -4.57 -10.90
C ASP A 707 -10.76 -5.82 -10.55
N SER A 708 -10.85 -6.25 -9.29
CA SER A 708 -10.12 -7.45 -8.86
C SER A 708 -10.82 -8.73 -9.30
N GLY A 709 -12.13 -8.71 -9.45
CA GLY A 709 -12.85 -9.89 -9.86
C GLY A 709 -13.10 -10.90 -8.76
N ILE A 710 -13.25 -10.43 -7.52
CA ILE A 710 -13.58 -11.29 -6.38
C ILE A 710 -14.71 -10.65 -5.58
N THR A 711 -15.44 -11.49 -4.84
CA THR A 711 -16.46 -11.07 -3.87
C THR A 711 -15.95 -11.34 -2.47
N VAL A 712 -15.89 -10.31 -1.65
CA VAL A 712 -15.51 -10.44 -0.24
C VAL A 712 -16.78 -10.38 0.59
N PRO A 713 -16.97 -11.31 1.54
CA PRO A 713 -18.13 -11.21 2.43
C PRO A 713 -17.84 -10.34 3.63
N VAL A 714 -18.80 -9.52 4.00
CA VAL A 714 -18.74 -8.72 5.21
C VAL A 714 -19.80 -9.24 6.16
N ALA A 715 -19.38 -9.60 7.37
CA ALA A 715 -20.32 -10.07 8.36
C ALA A 715 -20.98 -8.89 9.05
N ALA A 716 -21.96 -9.20 9.90
CA ALA A 716 -22.68 -8.14 10.61
C ALA A 716 -21.79 -7.45 11.64
N ASP A 717 -20.90 -8.22 12.29
CA ASP A 717 -19.96 -7.68 13.25
C ASP A 717 -18.69 -7.15 12.60
N GLN A 718 -18.69 -6.97 11.28
CA GLN A 718 -17.49 -6.70 10.51
C GLN A 718 -17.70 -5.47 9.65
N THR A 719 -16.77 -4.52 9.72
CA THR A 719 -16.80 -3.39 8.82
C THR A 719 -16.34 -3.81 7.42
N VAL A 720 -16.75 -3.03 6.43
CA VAL A 720 -16.25 -3.25 5.06
C VAL A 720 -14.74 -3.21 5.05
N LEU A 721 -14.16 -2.27 5.80
CA LEU A 721 -12.70 -2.14 5.87
C LEU A 721 -12.05 -3.40 6.41
N GLN A 722 -12.62 -3.97 7.48
CA GLN A 722 -12.03 -5.17 8.07
C GLN A 722 -12.04 -6.33 7.08
N ALA A 723 -13.10 -6.45 6.30
CA ALA A 723 -13.17 -7.54 5.33
C ALA A 723 -12.15 -7.37 4.22
N LEU A 724 -11.89 -6.12 3.80
CA LEU A 724 -10.90 -5.88 2.75
C LEU A 724 -9.50 -6.25 3.22
N ARG A 725 -9.12 -5.81 4.42
CA ARG A 725 -7.82 -6.19 4.96
C ARG A 725 -7.75 -7.68 5.31
N ALA A 726 -8.90 -8.33 5.50
CA ALA A 726 -8.91 -9.78 5.69
C ALA A 726 -8.60 -10.51 4.38
N ALA A 727 -8.97 -9.92 3.24
CA ALA A 727 -8.54 -10.41 1.95
C ALA A 727 -7.20 -9.83 1.53
N ASN A 728 -6.53 -9.14 2.43
CA ASN A 728 -5.25 -8.45 2.17
C ASN A 728 -5.33 -7.56 0.93
N ILE A 729 -6.41 -6.84 0.81
CA ILE A 729 -6.54 -5.80 -0.20
C ILE A 729 -5.96 -4.52 0.36
N ASP A 730 -5.28 -3.76 -0.49
CA ASP A 730 -4.62 -2.55 -0.02
C ASP A 730 -5.66 -1.54 0.44
N ALA A 731 -5.43 -0.94 1.61
CA ALA A 731 -6.34 0.03 2.17
C ALA A 731 -5.59 0.82 3.23
N GLN A 732 -5.87 2.12 3.33
CA GLN A 732 -5.33 2.96 4.39
C GLN A 732 -6.47 3.48 5.26
N SER A 733 -6.26 3.42 6.57
CA SER A 733 -7.23 3.90 7.54
C SER A 733 -6.50 4.63 8.64
N ASP A 734 -6.85 5.90 8.85
CA ASP A 734 -6.21 6.73 9.86
C ASP A 734 -7.05 6.87 11.12
N CYS A 735 -8.33 7.22 10.96
CA CYS A 735 -9.22 7.48 12.08
C CYS A 735 -10.16 6.33 12.38
N GLU A 736 -10.86 5.83 11.36
CA GLU A 736 -11.83 4.75 11.48
C GLU A 736 -12.95 5.09 12.46
N GLU A 737 -13.11 6.38 12.75
CA GLU A 737 -14.26 6.91 13.46
C GLU A 737 -15.21 7.63 12.53
N GLY A 738 -14.95 7.59 11.22
CA GLY A 738 -15.77 8.28 10.24
C GLY A 738 -15.46 9.75 10.08
N ILE A 739 -14.28 10.21 10.50
CA ILE A 739 -14.02 11.62 10.65
C ILE A 739 -12.97 12.16 9.67
N CYS A 740 -12.01 11.34 9.24
CA CYS A 740 -10.86 11.87 8.51
C CYS A 740 -10.99 11.78 7.00
N GLY A 741 -11.67 10.77 6.46
CA GLY A 741 -11.88 10.66 5.03
C GLY A 741 -10.91 9.77 4.30
N ALA A 742 -9.88 9.27 4.98
CA ALA A 742 -8.79 8.54 4.32
C ALA A 742 -9.23 7.21 3.71
N CYS A 743 -10.42 6.71 4.04
CA CYS A 743 -10.84 5.37 3.64
C CYS A 743 -11.88 5.38 2.52
N GLU A 744 -12.01 6.48 1.80
CA GLU A 744 -13.01 6.61 0.75
C GLU A 744 -12.71 5.69 -0.43
N VAL A 745 -13.75 5.11 -1.02
CA VAL A 745 -13.58 4.20 -2.15
C VAL A 745 -14.82 4.23 -3.05
N PRO A 746 -14.65 4.16 -4.37
CA PRO A 746 -15.79 4.39 -5.28
C PRO A 746 -16.78 3.23 -5.32
N VAL A 747 -18.07 3.59 -5.46
CA VAL A 747 -19.19 2.66 -5.53
C VAL A 747 -19.73 2.67 -6.95
N LEU A 748 -19.71 1.51 -7.61
CA LEU A 748 -20.24 1.39 -8.96
C LEU A 748 -21.71 1.00 -8.97
N ASP A 749 -22.15 0.25 -7.97
CA ASP A 749 -23.51 -0.25 -7.93
C ASP A 749 -23.88 -0.54 -6.49
N GLY A 750 -25.16 -0.38 -6.19
CA GLY A 750 -25.69 -0.56 -4.85
C GLY A 750 -25.84 0.76 -4.13
N GLU A 751 -26.80 0.81 -3.21
CA GLU A 751 -26.99 1.97 -2.37
C GLU A 751 -26.40 1.68 -0.99
N VAL A 752 -25.81 2.71 -0.39
CA VAL A 752 -24.97 2.55 0.78
C VAL A 752 -25.67 3.09 2.02
N ASP A 753 -25.39 2.45 3.16
CA ASP A 753 -25.83 2.94 4.46
C ASP A 753 -24.76 3.89 4.98
N HIS A 754 -24.86 5.15 4.52
CA HIS A 754 -23.88 6.17 4.89
C HIS A 754 -23.85 6.40 6.40
N ARG A 755 -22.65 6.36 6.98
CA ARG A 755 -22.48 6.64 8.41
C ARG A 755 -21.23 7.44 8.71
N ASP A 756 -20.64 8.11 7.73
CA ASP A 756 -19.52 8.99 7.96
C ASP A 756 -20.04 10.39 8.31
N LEU A 757 -19.11 11.29 8.59
CA LEU A 757 -19.43 12.70 8.77
C LEU A 757 -18.69 13.58 7.78
N VAL A 758 -18.04 12.99 6.78
CA VAL A 758 -17.21 13.78 5.87
C VAL A 758 -17.96 14.20 4.60
N LEU A 759 -18.85 13.36 4.09
CA LEU A 759 -19.49 13.63 2.81
C LEU A 759 -20.76 14.45 3.00
N THR A 760 -20.88 15.51 2.19
CA THR A 760 -22.08 16.35 2.19
C THR A 760 -23.31 15.51 1.88
N LYS A 761 -24.47 15.98 2.38
CA LYS A 761 -25.71 15.23 2.17
C LYS A 761 -26.03 15.05 0.69
N THR A 762 -25.51 15.93 -0.18
CA THR A 762 -25.63 15.72 -1.61
C THR A 762 -24.71 14.60 -2.08
N GLU A 763 -23.46 14.59 -1.59
CA GLU A 763 -22.54 13.52 -1.96
C GLU A 763 -23.08 12.16 -1.54
N ARG A 764 -23.75 12.10 -0.39
CA ARG A 764 -24.37 10.86 0.04
C ARG A 764 -25.52 10.47 -0.88
N ALA A 765 -26.23 11.45 -1.43
CA ALA A 765 -27.32 11.16 -2.35
C ALA A 765 -26.80 10.50 -3.63
N ALA A 766 -25.77 11.09 -4.24
CA ALA A 766 -25.26 10.59 -5.51
C ALA A 766 -24.77 9.15 -5.42
N GLY A 767 -24.44 8.66 -4.22
CA GLY A 767 -24.03 7.29 -4.03
C GLY A 767 -22.81 6.87 -4.82
N LYS A 768 -22.01 7.82 -5.29
CA LYS A 768 -20.82 7.50 -6.05
C LYS A 768 -19.65 7.06 -5.18
N THR A 769 -19.79 7.11 -3.86
CA THR A 769 -18.64 6.99 -2.99
C THR A 769 -19.08 6.47 -1.62
N MET A 770 -18.11 5.91 -0.88
CA MET A 770 -18.38 5.27 0.38
C MET A 770 -17.14 5.30 1.27
N MET A 771 -17.36 5.38 2.57
CA MET A 771 -16.29 5.33 3.56
C MET A 771 -16.15 3.90 4.08
N THR A 772 -14.95 3.34 3.94
CA THR A 772 -14.74 1.91 4.08
C THR A 772 -14.93 1.43 5.51
N CYS A 773 -14.73 2.30 6.50
CA CYS A 773 -14.63 1.86 7.89
C CYS A 773 -15.95 1.83 8.63
N CYS A 774 -16.92 2.66 8.26
CA CYS A 774 -18.15 2.76 9.05
C CYS A 774 -19.41 2.62 8.21
N SER A 775 -19.39 3.04 6.95
CA SER A 775 -20.57 2.91 6.10
C SER A 775 -20.79 1.45 5.71
N ARG A 776 -22.03 1.13 5.34
CA ARG A 776 -22.38 -0.23 4.98
C ARG A 776 -23.34 -0.25 3.79
N ALA A 777 -23.86 -1.45 3.56
CA ALA A 777 -24.98 -1.70 2.67
C ALA A 777 -26.30 -1.47 3.39
N CYS A 778 -27.20 -0.74 2.76
CA CYS A 778 -28.62 -0.98 2.92
C CYS A 778 -28.99 -1.98 1.84
N GLY A 779 -29.08 -3.26 2.21
CA GLY A 779 -29.35 -4.28 1.23
C GLY A 779 -28.34 -5.40 1.15
N ASP A 780 -28.35 -6.13 0.03
CA ASP A 780 -27.68 -7.41 -0.08
C ASP A 780 -26.29 -7.35 -0.69
N LYS A 781 -26.01 -6.43 -1.60
CA LYS A 781 -24.69 -6.37 -2.22
C LYS A 781 -24.39 -4.97 -2.72
N LEU A 782 -23.09 -4.69 -2.83
CA LEU A 782 -22.59 -3.47 -3.46
C LEU A 782 -21.40 -3.83 -4.33
N THR A 783 -21.19 -3.04 -5.38
CA THR A 783 -20.04 -3.19 -6.25
C THR A 783 -19.12 -1.99 -6.07
N LEU A 784 -17.83 -2.26 -5.88
CA LEU A 784 -16.82 -1.24 -5.64
C LEU A 784 -15.72 -1.31 -6.69
N GLN A 785 -15.22 -0.13 -7.09
CA GLN A 785 -14.13 -0.06 -8.06
C GLN A 785 -12.84 -0.41 -7.32
N LEU A 786 -12.59 -1.71 -7.22
CA LEU A 786 -11.51 -2.18 -6.37
C LEU A 786 -11.08 -3.56 -6.82
N1 FMN B . -10.37 16.90 13.71
C2 FMN B . -10.91 16.63 12.50
O2 FMN B . -11.43 15.50 12.29
N3 FMN B . -10.90 17.53 11.51
C4 FMN B . -10.34 18.74 11.73
O4 FMN B . -10.33 19.67 10.74
C4A FMN B . -9.78 19.04 12.97
N5 FMN B . -9.23 20.25 13.17
C5A FMN B . -8.69 20.52 14.37
C6 FMN B . -8.13 21.77 14.54
C7 FMN B . -7.57 22.10 15.75
C7M FMN B . -6.97 23.53 15.80
C8 FMN B . -7.55 21.19 16.81
C8M FMN B . -6.94 21.51 18.15
C9 FMN B . -8.13 19.94 16.64
C9A FMN B . -8.70 19.59 15.41
N10 FMN B . -9.26 18.37 15.21
C10 FMN B . -9.80 18.09 13.98
C1' FMN B . -9.26 17.31 16.26
C2' FMN B . -7.99 16.50 16.26
O2' FMN B . -7.85 15.71 15.16
C3' FMN B . -7.92 15.63 17.49
O3' FMN B . -9.02 14.78 17.66
C4' FMN B . -7.71 16.49 18.76
O4' FMN B . -6.77 17.50 18.75
C5' FMN B . -7.21 15.61 19.96
O5' FMN B . -6.22 14.60 19.67
P FMN B . -5.98 13.47 20.75
O1P FMN B . -5.40 12.25 20.08
O2P FMN B . -5.02 13.92 21.80
O3P FMN B . -7.31 13.16 21.36
CHA HEM C . 1.43 -15.89 -5.96
CHB HEM C . 4.93 -12.44 -7.11
CHC HEM C . 6.97 -12.81 -2.24
CHD HEM C . 3.48 -16.22 -1.13
C1A HEM C . 2.35 -14.88 -6.48
C2A HEM C . 2.06 -14.55 -7.87
C3A HEM C . 3.02 -13.59 -8.20
C4A HEM C . 3.83 -13.45 -6.95
CMA HEM C . 3.20 -12.89 -9.51
CAA HEM C . 0.97 -15.06 -8.77
CBA HEM C . -0.16 -14.11 -8.99
CGA HEM C . -1.40 -14.59 -9.66
O1A HEM C . -1.18 -15.68 -10.25
O2A HEM C . -2.34 -13.77 -9.46
C1B HEM C . 5.82 -12.21 -5.93
C2B HEM C . 6.99 -11.23 -5.90
C3B HEM C . 7.62 -11.34 -4.38
C4B HEM C . 6.77 -12.38 -3.67
CMB HEM C . 7.46 -10.35 -7.02
CAB HEM C . 8.79 -10.61 -3.80
CBB HEM C . 8.81 -9.12 -3.92
C1C HEM C . 6.00 -13.83 -1.76
C2C HEM C . 6.30 -14.16 -0.39
C3C HEM C . 5.35 -15.11 -0.06
C4C HEM C . 4.57 -15.24 -1.27
CMC HEM C . 7.38 -13.61 0.48
CAC HEM C . 5.19 -15.78 1.26
CBC HEM C . 5.54 -17.22 1.44
C1D HEM C . 2.76 -16.28 -2.40
C2D HEM C . 1.61 -17.26 -2.36
C3D HEM C . 0.96 -17.16 -3.87
C4D HEM C . 1.83 -16.14 -4.56
CMD HEM C . 1.20 -18.10 -1.20
CAD HEM C . -0.21 -17.91 -4.40
CBD HEM C . -1.55 -17.39 -3.98
CGD HEM C . -2.72 -17.81 -4.79
O1D HEM C . -2.30 -18.23 -5.88
O2D HEM C . -3.79 -17.61 -4.16
NA HEM C . 3.44 -14.23 -5.89
NB HEM C . 5.64 -12.84 -4.59
NC HEM C . 4.93 -14.48 -2.33
ND HEM C . 2.96 -15.50 -3.71
FE HEM C . 4.42 -14.27 -4.20
FE1 FES D . -11.10 8.08 8.52
FE2 FES D . -12.80 5.80 7.59
S1 FES D . -10.80 5.99 8.28
S2 FES D . -13.11 7.89 7.81
#